data_4LC9
#
_entry.id   4LC9
#
_cell.length_a   95.663
_cell.length_b   105.312
_cell.length_c   132.406
_cell.angle_alpha   90.00
_cell.angle_beta   90.00
_cell.angle_gamma   90.00
#
_symmetry.space_group_name_H-M   'P 21 21 21'
#
loop_
_entity.id
_entity.type
_entity.pdbx_description
1 polymer 'Glucokinase regulatory protein'
2 polymer Glucokinase
3 non-polymer 6-O-phosphono-beta-D-fructofuranose
4 non-polymer 'SODIUM ION'
#
loop_
_entity_poly.entity_id
_entity_poly.type
_entity_poly.pdbx_seq_one_letter_code
_entity_poly.pdbx_strand_id
1 'polypeptide(L)'
;MPGTKRYQHVIETPEPGEWELSGYEAAVPITEKSNPLTRNLDKADAEKIVKLLGQCDAEIFQEEGQIVPTYQRLYSESVL
TTMLQVAGKVQEVLKEPDGGLVVLSGGGTSGRMAFLMSVSFNQLMKGLGQKPLYTYLIAGGDRSVVASREQTEDSALHGI
EELKKVAAGKKRVVVIGISVGLSAPFVAGQMDYCMDNTAVFLPVLVGFNPVSMARNDPIEDWRSTFRQVAERMQKMQEKQ
EAFVLNPAIGPEGLSGSSRMKGGGATKILLETLLLAAHKTVDQGVVSSQRCLLEILRTFERAHQVTYSQSSKIATLMKQV
GISLEKKGRVHLVGWQTLGIIAIMDGVECIHTFGADFQDIRGFLIGDHSDMFNQKDELTNQGPQFTFSQDDFLTSILPSL
TETDTVVFIFTLDDNLTEVQALAERVREKCQNIQALVHSTVGQSLPAPLKKLFPSLISITWPLLFFDYEGTYVQKFQREL
STKWVLNTVSTGAHVLLGKILQNHMLDLRIANSKLFWRALAMLQRFSGQSKARCIESLLQAIHFPQPLSDDVRAAPISCH
VQVAHEKEKVIPTALLSLLLRCSISEAKARLSAASSVCEVVRSALSGPGQKRSTQALEDPPACGTLNSLEHHHHHH
;
A
2 'polypeptide(L)'
;MHHHHHHMVDDRARMEAAKKEKVEQILAEFQLQEEDLKKVMRRMQKEMDRGLRLETHEEASVKMLPTYVRSTPEGSEVGD
FLSLDLGGTNFRVMLVKVGEGEEGQWSVKTKHQMYSIPEDAMTGTAEMLFDYISECISDFLDKHQMKHKKLPLGFTFSFP
VRHEDIDKGILLNWTKGFKASGAEGNNVVGLLRDAIKRRGDFEMDVVAMVNDTVATMISCYYEDHQCEVGMIVGTGCNAC
YMEEMQNVELVEGDEGRMCVNTEWGAFGDSGELDEFLLEYDRLVDESSANPGQQLYEKLIGGKYMGELVRLVLLRLVDEN
LLFHGEASEQLRTRGAFETRFVSQVESDTGDRKQIYNILSTLGLRPSTTDCDIVRRACESVSTRAAHMCSAGLAGVINRM
RESRSEDVMRITVGVDGSVYKLHPSFKERFHASVRRLTPSCEITFIESEEGSGRGAALVSAVACKKACMLGQ
;
B
#
loop_
_chem_comp.id
_chem_comp.type
_chem_comp.name
_chem_comp.formula
F6P D-saccharide, beta linking 6-O-phosphono-beta-D-fructofuranose 'C6 H13 O9 P'
NA non-polymer 'SODIUM ION' 'Na 1'
#
# COMPACT_ATOMS: atom_id res chain seq x y z
N TYR A 7 20.65 4.82 -15.54
CA TYR A 7 20.16 5.01 -14.17
C TYR A 7 20.88 4.10 -13.20
N GLN A 8 21.84 4.64 -12.46
CA GLN A 8 22.67 3.81 -11.59
C GLN A 8 21.79 3.09 -10.57
N HIS A 9 20.68 3.75 -10.22
CA HIS A 9 19.71 3.26 -9.24
C HIS A 9 18.33 3.65 -9.74
N VAL A 10 17.47 2.66 -9.98
CA VAL A 10 16.13 2.93 -10.48
C VAL A 10 15.27 3.53 -9.38
N ILE A 11 15.48 4.84 -9.20
CA ILE A 11 14.79 5.64 -8.20
C ILE A 11 13.34 5.85 -8.59
N GLU A 12 12.43 5.51 -7.67
CA GLU A 12 11.01 5.67 -7.94
C GLU A 12 10.68 7.14 -7.67
N THR A 13 10.29 7.50 -6.45
CA THR A 13 9.99 8.91 -6.11
C THR A 13 11.21 9.82 -6.32
N PRO A 14 10.99 11.06 -6.81
CA PRO A 14 12.16 11.92 -6.95
C PRO A 14 12.83 12.18 -5.59
N GLU A 15 14.14 11.96 -5.46
CA GLU A 15 14.83 12.30 -4.23
C GLU A 15 14.66 13.81 -4.03
N PRO A 16 14.63 14.28 -2.77
CA PRO A 16 14.51 15.74 -2.69
C PRO A 16 15.77 16.45 -3.20
N GLY A 17 15.63 17.71 -3.61
CA GLY A 17 16.75 18.48 -4.12
C GLY A 17 17.83 18.49 -3.05
N GLU A 18 19.08 18.20 -3.42
CA GLU A 18 20.18 18.16 -2.45
C GLU A 18 20.09 19.32 -1.46
N TRP A 19 20.39 19.07 -0.19
CA TRP A 19 20.28 20.11 0.84
C TRP A 19 21.64 20.60 1.33
N GLU A 20 21.61 21.57 2.24
CA GLU A 20 22.83 22.13 2.81
C GLU A 20 23.48 21.19 3.82
N LEU A 21 24.56 20.55 3.40
CA LEU A 21 25.28 19.67 4.29
C LEU A 21 26.72 19.49 3.85
N SER A 22 27.63 19.85 4.74
CA SER A 22 29.06 19.76 4.52
C SER A 22 29.77 20.00 5.86
N GLY A 23 31.10 20.05 5.84
CA GLY A 23 31.83 20.26 7.07
C GLY A 23 31.71 21.68 7.60
N TYR A 24 31.61 22.64 6.69
CA TYR A 24 31.37 24.05 7.05
C TYR A 24 30.02 24.28 7.73
N GLU A 25 29.02 23.48 7.38
CA GLU A 25 27.70 23.59 8.02
C GLU A 25 27.76 23.43 9.53
N ALA A 26 28.33 22.35 10.04
CA ALA A 26 28.38 22.19 11.50
C ALA A 26 29.23 21.03 12.03
N ALA A 27 30.01 21.30 13.09
CA ALA A 27 30.85 20.32 13.75
C ALA A 27 29.99 19.17 14.30
N VAL A 28 29.14 19.51 15.28
CA VAL A 28 27.95 18.76 15.70
C VAL A 28 27.52 17.67 14.72
N PRO A 29 27.49 16.40 15.15
CA PRO A 29 27.06 15.34 14.23
C PRO A 29 25.67 15.62 13.68
N ILE A 30 25.48 15.17 12.45
CA ILE A 30 24.24 15.31 11.70
C ILE A 30 22.97 14.82 12.39
N THR A 31 23.00 13.72 13.14
CA THR A 31 21.77 13.30 13.80
C THR A 31 21.30 14.35 14.80
N GLU A 32 22.21 15.20 15.27
CA GLU A 32 21.85 16.25 16.22
C GLU A 32 21.70 17.62 15.57
N LYS A 33 22.17 17.77 14.34
CA LYS A 33 22.15 19.07 13.67
C LYS A 33 20.73 19.54 13.40
N SER A 34 20.54 20.86 13.33
CA SER A 34 19.27 21.44 12.95
C SER A 34 19.11 21.27 11.44
N ASN A 35 17.92 20.82 11.02
CA ASN A 35 17.62 20.65 9.59
C ASN A 35 17.31 21.97 8.87
N PRO A 36 18.03 22.27 7.77
CA PRO A 36 17.89 23.52 7.01
C PRO A 36 16.51 23.72 6.39
N LEU A 37 15.72 22.65 6.32
CA LEU A 37 14.39 22.70 5.70
C LEU A 37 13.29 23.08 6.67
N THR A 38 13.60 23.11 7.97
CA THR A 38 12.58 23.34 8.98
C THR A 38 12.84 24.57 9.87
N ARG A 39 13.61 25.54 9.36
CA ARG A 39 13.92 26.71 10.18
C ARG A 39 12.64 27.47 10.55
N ASN A 40 11.61 27.30 9.73
CA ASN A 40 10.31 27.95 9.94
C ASN A 40 9.24 26.95 10.36
N LEU A 41 9.65 25.84 10.98
CA LEU A 41 8.69 24.86 11.44
C LEU A 41 7.68 25.37 12.45
N ASP A 42 8.15 26.19 13.40
CA ASP A 42 7.31 26.67 14.50
C ASP A 42 5.99 27.32 14.07
N LYS A 43 6.03 28.09 12.97
CA LYS A 43 4.86 28.84 12.48
C LYS A 43 4.18 28.24 11.25
N ALA A 44 4.65 27.11 10.77
CA ALA A 44 4.07 26.49 9.58
C ALA A 44 2.65 25.95 9.84
N ASP A 45 1.79 26.08 8.83
CA ASP A 45 0.43 25.53 8.91
C ASP A 45 0.45 24.03 8.68
N ALA A 46 -0.70 23.37 8.88
CA ALA A 46 -0.80 21.91 8.79
C ALA A 46 -0.29 21.37 7.46
N GLU A 47 -0.72 22.00 6.38
CA GLU A 47 -0.34 21.60 5.02
C GLU A 47 1.15 21.75 4.77
N LYS A 48 1.73 22.81 5.32
CA LYS A 48 3.14 23.02 5.12
C LYS A 48 3.95 22.04 5.94
N ILE A 49 3.46 21.69 7.13
CA ILE A 49 4.12 20.70 7.99
C ILE A 49 4.20 19.30 7.39
N VAL A 50 3.10 18.83 6.82
CA VAL A 50 3.08 17.52 6.18
C VAL A 50 4.10 17.47 5.04
N LYS A 51 4.16 18.55 4.26
CA LYS A 51 5.08 18.64 3.13
C LYS A 51 6.52 18.62 3.58
N LEU A 52 6.82 19.37 4.63
CA LEU A 52 8.16 19.45 5.17
C LEU A 52 8.66 18.14 5.75
N LEU A 53 7.84 17.52 6.60
CA LEU A 53 8.24 16.28 7.25
C LEU A 53 8.31 15.16 6.25
N GLY A 54 7.41 15.18 5.26
CA GLY A 54 7.46 14.21 4.18
C GLY A 54 8.76 14.38 3.41
N GLN A 55 9.13 15.63 3.14
CA GLN A 55 10.38 15.95 2.43
C GLN A 55 11.60 15.43 3.22
N CYS A 56 11.62 15.70 4.52
CA CYS A 56 12.69 15.25 5.40
C CYS A 56 12.78 13.73 5.42
N ASP A 57 11.62 13.08 5.49
CA ASP A 57 11.55 11.63 5.51
C ASP A 57 12.15 11.04 4.24
N ALA A 58 11.96 11.74 3.13
CA ALA A 58 12.45 11.28 1.82
C ALA A 58 13.95 11.38 1.66
N GLU A 59 14.61 12.20 2.46
CA GLU A 59 16.05 12.40 2.31
C GLU A 59 16.80 11.09 2.54
N ILE A 60 16.16 10.17 3.25
CA ILE A 60 16.78 8.88 3.54
C ILE A 60 17.03 8.08 2.26
N PHE A 61 16.20 8.33 1.26
CA PHE A 61 16.22 7.63 -0.02
C PHE A 61 17.10 8.30 -1.05
N GLN A 62 17.45 9.55 -0.78
CA GLN A 62 18.19 10.37 -1.71
C GLN A 62 19.56 9.76 -1.92
N GLU A 63 19.89 9.54 -3.18
CA GLU A 63 21.15 8.94 -3.59
C GLU A 63 22.14 10.10 -3.69
N GLU A 64 23.43 9.80 -3.55
CA GLU A 64 24.49 10.80 -3.33
C GLU A 64 24.30 12.05 -4.19
N GLY A 65 24.72 13.19 -3.65
CA GLY A 65 24.60 14.45 -4.36
C GLY A 65 25.85 14.91 -5.07
N GLN A 66 26.67 15.68 -4.36
CA GLN A 66 27.87 16.23 -4.95
C GLN A 66 28.75 15.10 -5.46
N ILE A 67 29.56 15.40 -6.46
CA ILE A 67 30.44 14.41 -7.07
C ILE A 67 31.42 13.80 -6.06
N VAL A 68 31.71 14.56 -5.02
CA VAL A 68 32.64 14.12 -3.97
C VAL A 68 31.86 13.73 -2.71
N PRO A 69 31.87 12.44 -2.34
CA PRO A 69 31.12 11.99 -1.16
C PRO A 69 31.50 12.74 0.12
N THR A 70 30.65 13.69 0.52
CA THR A 70 30.80 14.36 1.81
C THR A 70 30.28 13.44 2.91
N TYR A 71 29.29 12.63 2.54
CA TYR A 71 28.59 11.75 3.46
C TYR A 71 28.09 10.51 2.73
N GLN A 72 28.62 9.35 3.07
CA GLN A 72 28.18 8.10 2.46
C GLN A 72 26.69 7.87 2.68
N ARG A 73 25.89 8.27 1.69
CA ARG A 73 24.44 8.08 1.73
C ARG A 73 24.01 6.63 1.55
N LEU A 74 22.73 6.37 1.78
CA LEU A 74 22.14 5.04 1.70
C LEU A 74 22.33 4.29 0.40
N TYR A 75 22.30 4.99 -0.73
CA TYR A 75 22.44 4.33 -2.03
C TYR A 75 23.89 4.20 -2.48
N SER A 76 24.82 4.62 -1.62
CA SER A 76 26.24 4.58 -1.95
C SER A 76 26.68 3.12 -2.03
N GLU A 77 27.67 2.85 -2.86
CA GLU A 77 28.24 1.52 -3.04
C GLU A 77 28.75 0.90 -1.74
N SER A 78 29.34 1.72 -0.90
CA SER A 78 29.88 1.26 0.38
C SER A 78 28.85 0.62 1.29
N VAL A 79 27.72 1.27 1.46
CA VAL A 79 26.68 0.74 2.33
C VAL A 79 26.05 -0.53 1.79
N LEU A 80 25.71 -0.55 0.51
CA LEU A 80 25.09 -1.74 -0.07
C LEU A 80 26.00 -2.95 0.01
N THR A 81 27.29 -2.72 -0.22
CA THR A 81 28.29 -3.77 -0.10
C THR A 81 28.38 -4.31 1.32
N THR A 82 28.37 -3.39 2.28
CA THR A 82 28.40 -3.77 3.68
C THR A 82 27.17 -4.56 4.06
N MET A 83 26.03 -4.11 3.54
CA MET A 83 24.75 -4.78 3.76
C MET A 83 24.79 -6.19 3.21
N LEU A 84 25.39 -6.31 2.03
CA LEU A 84 25.57 -7.58 1.37
C LEU A 84 26.46 -8.49 2.18
N GLN A 85 27.54 -7.91 2.72
CA GLN A 85 28.51 -8.66 3.53
C GLN A 85 27.87 -9.18 4.80
N VAL A 86 27.05 -8.35 5.43
CA VAL A 86 26.38 -8.72 6.67
C VAL A 86 25.37 -9.82 6.40
N ALA A 87 24.63 -9.67 5.30
CA ALA A 87 23.63 -10.65 4.90
C ALA A 87 24.30 -11.99 4.61
N GLY A 88 25.53 -11.93 4.11
CA GLY A 88 26.33 -13.11 3.87
C GLY A 88 26.59 -13.88 5.14
N LYS A 89 26.87 -13.15 6.21
CA LYS A 89 27.13 -13.74 7.52
C LYS A 89 25.86 -14.32 8.13
N VAL A 90 24.73 -13.64 7.94
CA VAL A 90 23.48 -14.11 8.53
C VAL A 90 23.04 -15.44 7.93
N GLN A 91 23.10 -15.57 6.61
CA GLN A 91 22.67 -16.81 5.97
C GLN A 91 23.49 -18.01 6.41
N GLU A 92 24.75 -17.79 6.77
CA GLU A 92 25.60 -18.86 7.29
C GLU A 92 25.01 -19.39 8.60
N VAL A 93 24.44 -18.49 9.38
CA VAL A 93 23.80 -18.81 10.65
C VAL A 93 22.47 -19.50 10.43
N LEU A 94 21.70 -18.98 9.47
CA LEU A 94 20.39 -19.52 9.14
C LEU A 94 20.51 -20.96 8.66
N LYS A 95 21.63 -21.28 8.02
CA LYS A 95 21.86 -22.64 7.55
C LYS A 95 22.18 -23.55 8.74
N GLU A 96 22.67 -22.97 9.84
CA GLU A 96 23.03 -23.72 11.04
C GLU A 96 22.22 -23.25 12.25
N PRO A 97 20.90 -23.52 12.26
CA PRO A 97 19.99 -23.12 13.33
C PRO A 97 20.42 -23.69 14.68
N ASP A 98 21.01 -24.88 14.63
CA ASP A 98 21.49 -25.58 15.82
C ASP A 98 22.67 -24.86 16.46
N GLY A 99 22.37 -24.17 17.55
CA GLY A 99 23.39 -23.43 18.27
C GLY A 99 23.44 -22.01 17.74
N GLY A 100 22.55 -21.71 16.78
CA GLY A 100 22.49 -20.38 16.19
C GLY A 100 21.45 -19.48 16.82
N LEU A 101 21.73 -18.18 16.77
CA LEU A 101 20.81 -17.18 17.29
C LEU A 101 21.10 -15.85 16.62
N VAL A 102 20.03 -15.09 16.34
CA VAL A 102 20.17 -13.74 15.81
C VAL A 102 19.54 -12.73 16.76
N VAL A 103 20.39 -11.86 17.28
CA VAL A 103 19.98 -10.82 18.22
C VAL A 103 20.00 -9.44 17.60
N LEU A 104 18.93 -8.69 17.85
CA LEU A 104 18.89 -7.29 17.48
C LEU A 104 18.77 -6.53 18.78
N SER A 105 19.50 -5.43 18.89
CA SER A 105 19.56 -4.67 20.13
C SER A 105 19.60 -3.16 19.92
N GLY A 106 19.11 -2.43 20.90
CA GLY A 106 19.13 -0.98 20.88
C GLY A 106 18.40 -0.43 22.08
N GLY A 107 18.43 0.88 22.24
CA GLY A 107 17.65 1.55 23.26
C GLY A 107 16.46 2.28 22.69
N GLY A 108 15.43 2.47 23.51
CA GLY A 108 14.28 3.24 23.11
C GLY A 108 13.66 2.78 21.79
N THR A 109 13.37 3.72 20.90
CA THR A 109 12.76 3.44 19.62
C THR A 109 13.62 2.50 18.77
N SER A 110 14.94 2.60 18.87
CA SER A 110 15.83 1.71 18.13
C SER A 110 15.56 0.29 18.62
N GLY A 111 15.38 0.17 19.92
CA GLY A 111 15.03 -1.07 20.57
C GLY A 111 13.64 -1.59 20.23
N ARG A 112 12.69 -0.69 20.02
CA ARG A 112 11.32 -1.08 19.69
C ARG A 112 11.20 -1.65 18.28
N MET A 113 12.03 -1.15 17.37
CA MET A 113 12.11 -1.69 16.02
C MET A 113 12.68 -3.10 16.01
N ALA A 114 13.66 -3.34 16.87
CA ALA A 114 14.26 -4.67 17.06
C ALA A 114 13.21 -5.66 17.51
N PHE A 115 12.37 -5.23 18.45
CA PHE A 115 11.26 -6.06 18.91
C PHE A 115 10.40 -6.40 17.70
N LEU A 116 9.98 -5.38 16.96
CA LEU A 116 9.14 -5.56 15.79
C LEU A 116 9.84 -6.51 14.81
N MET A 117 11.13 -6.29 14.58
CA MET A 117 11.87 -7.14 13.65
C MET A 117 11.87 -8.60 14.11
N SER A 118 12.06 -8.86 15.40
CA SER A 118 12.09 -10.23 15.87
C SER A 118 10.79 -11.03 15.73
N VAL A 119 9.65 -10.39 15.96
CA VAL A 119 8.35 -11.06 15.84
C VAL A 119 8.12 -11.45 14.38
N SER A 120 8.30 -10.46 13.51
CA SER A 120 8.07 -10.60 12.08
C SER A 120 8.97 -11.65 11.44
N PHE A 121 10.26 -11.63 11.74
CA PHE A 121 11.20 -12.53 11.10
C PHE A 121 11.11 -13.92 11.68
N ASN A 122 10.74 -14.02 12.95
CA ASN A 122 10.45 -15.32 13.57
C ASN A 122 9.20 -15.93 12.94
N GLN A 123 8.25 -15.05 12.61
CA GLN A 123 7.01 -15.46 11.97
C GLN A 123 7.31 -16.04 10.58
N LEU A 124 8.23 -15.40 9.86
CA LEU A 124 8.64 -15.83 8.54
C LEU A 124 9.20 -17.26 8.54
N MET A 125 10.10 -17.54 9.49
CA MET A 125 10.73 -18.85 9.64
C MET A 125 9.68 -19.90 9.99
N LYS A 126 8.80 -19.53 10.90
CA LYS A 126 7.70 -20.38 11.35
C LYS A 126 6.82 -20.74 10.15
N GLY A 127 6.56 -19.77 9.27
CA GLY A 127 5.76 -19.99 8.08
C GLY A 127 6.40 -21.02 7.15
N LEU A 128 7.72 -21.18 7.26
CA LEU A 128 8.44 -22.16 6.46
C LEU A 128 8.68 -23.43 7.26
N GLY A 129 8.08 -23.52 8.45
CA GLY A 129 8.24 -24.69 9.28
C GLY A 129 9.65 -24.75 9.86
N GLN A 130 10.29 -23.60 9.99
CA GLN A 130 11.65 -23.54 10.52
C GLN A 130 11.63 -23.04 11.96
N LYS A 131 12.63 -23.43 12.73
CA LYS A 131 12.75 -22.97 14.10
C LYS A 131 13.03 -21.46 14.14
N PRO A 132 12.23 -20.69 14.92
CA PRO A 132 12.52 -19.24 14.98
C PRO A 132 13.88 -18.98 15.61
N LEU A 133 14.69 -18.14 14.98
CA LEU A 133 16.04 -17.86 15.46
C LEU A 133 16.25 -16.42 15.92
N TYR A 134 15.20 -15.62 15.93
CA TYR A 134 15.40 -14.22 16.31
C TYR A 134 14.92 -13.93 17.71
N THR A 135 15.60 -12.99 18.34
CA THR A 135 15.20 -12.44 19.62
C THR A 135 15.57 -10.97 19.61
N TYR A 136 15.05 -10.20 20.55
CA TYR A 136 15.39 -8.78 20.65
C TYR A 136 15.90 -8.48 22.04
N LEU A 137 16.76 -7.47 22.16
CA LEU A 137 17.18 -6.95 23.46
C LEU A 137 16.95 -5.45 23.52
N ILE A 138 16.03 -5.03 24.38
CA ILE A 138 15.77 -3.61 24.59
C ILE A 138 16.17 -3.25 26.00
N ALA A 139 16.91 -2.15 26.13
CA ALA A 139 17.38 -1.66 27.43
C ALA A 139 16.20 -1.41 28.38
N GLY A 140 16.27 -1.98 29.58
CA GLY A 140 15.22 -1.85 30.56
C GLY A 140 14.19 -2.96 30.45
N GLY A 141 14.39 -3.84 29.47
CA GLY A 141 13.52 -4.99 29.26
C GLY A 141 12.21 -4.63 28.60
N ASP A 142 11.26 -5.57 28.66
CA ASP A 142 10.00 -5.43 27.94
C ASP A 142 9.20 -4.19 28.33
N ARG A 143 9.33 -3.73 29.56
CA ARG A 143 8.65 -2.51 29.98
C ARG A 143 9.07 -1.28 29.16
N SER A 144 10.31 -1.29 28.68
CA SER A 144 10.84 -0.20 27.86
C SER A 144 10.25 -0.12 26.46
N VAL A 145 9.64 -1.21 26.02
CA VAL A 145 8.98 -1.27 24.72
C VAL A 145 7.78 -0.33 24.64
N VAL A 146 7.06 -0.22 25.75
CA VAL A 146 5.81 0.54 25.82
C VAL A 146 5.95 1.80 26.66
N ALA A 147 7.07 1.96 27.35
CA ALA A 147 7.24 3.11 28.25
C ALA A 147 8.60 3.79 28.10
N SER A 148 8.66 5.04 28.56
CA SER A 148 9.85 5.87 28.50
C SER A 148 10.83 5.57 29.64
N ARG A 149 11.85 4.76 29.39
CA ARG A 149 12.83 4.40 30.41
C ARG A 149 14.23 4.60 29.85
N GLU A 150 14.42 5.73 29.18
CA GLU A 150 15.65 6.04 28.47
C GLU A 150 16.93 6.08 29.30
N GLN A 151 16.81 6.42 30.57
CA GLN A 151 17.99 6.51 31.43
C GLN A 151 18.63 5.14 31.62
N THR A 152 17.85 4.09 31.40
CA THR A 152 18.31 2.71 31.58
C THR A 152 19.40 2.35 30.57
N GLU A 153 19.49 3.11 29.48
CA GLU A 153 20.52 2.86 28.47
C GLU A 153 21.89 3.36 28.88
N ASP A 154 21.97 4.10 29.98
CA ASP A 154 23.23 4.69 30.39
C ASP A 154 24.14 3.65 31.05
N SER A 155 23.69 2.39 31.09
CA SER A 155 24.50 1.29 31.63
C SER A 155 24.95 0.34 30.53
N ALA A 156 26.26 0.27 30.32
CA ALA A 156 26.86 -0.69 29.40
C ALA A 156 26.75 -2.13 29.90
N LEU A 157 26.92 -2.29 31.21
CA LEU A 157 26.84 -3.60 31.88
C LEU A 157 25.49 -4.25 31.76
N HIS A 158 24.43 -3.44 31.78
CA HIS A 158 23.08 -3.97 31.63
C HIS A 158 22.90 -4.64 30.27
N GLY A 159 23.42 -4.03 29.22
CA GLY A 159 23.33 -4.59 27.88
C GLY A 159 24.05 -5.91 27.74
N ILE A 160 25.24 -5.99 28.31
CA ILE A 160 26.06 -7.19 28.27
C ILE A 160 25.37 -8.30 29.07
N GLU A 161 24.85 -7.93 30.23
CA GLU A 161 24.16 -8.88 31.12
C GLU A 161 22.96 -9.50 30.42
N GLU A 162 22.19 -8.68 29.72
CA GLU A 162 20.99 -9.13 29.02
C GLU A 162 21.34 -10.05 27.85
N LEU A 163 22.47 -9.75 27.21
CA LEU A 163 22.98 -10.54 26.10
C LEU A 163 23.47 -11.93 26.48
N LYS A 164 24.20 -12.05 27.59
CA LYS A 164 24.71 -13.34 28.03
C LYS A 164 23.63 -14.38 28.31
N LYS A 165 22.50 -13.94 28.88
CA LYS A 165 21.40 -14.82 29.20
C LYS A 165 20.80 -15.46 27.95
N VAL A 166 20.53 -14.63 26.95
CA VAL A 166 19.92 -15.08 25.70
C VAL A 166 20.92 -15.84 24.83
N ALA A 167 22.19 -15.50 24.96
CA ALA A 167 23.25 -16.09 24.14
C ALA A 167 23.71 -17.42 24.74
N ALA A 168 23.26 -17.71 25.96
CA ALA A 168 23.65 -18.92 26.68
C ALA A 168 23.44 -20.20 25.89
N GLY A 169 24.49 -21.03 25.78
CA GLY A 169 24.42 -22.29 25.07
C GLY A 169 24.57 -22.26 23.56
N LYS A 170 24.60 -21.08 22.97
CA LYS A 170 24.73 -20.95 21.52
C LYS A 170 26.17 -21.12 21.02
N LYS A 171 26.31 -21.46 19.73
CA LYS A 171 27.62 -21.66 19.11
C LYS A 171 28.03 -20.46 18.25
N ARG A 172 27.05 -19.81 17.63
CA ARG A 172 27.31 -18.67 16.75
C ARG A 172 26.19 -17.66 16.87
N VAL A 173 26.55 -16.44 17.25
CA VAL A 173 25.57 -15.38 17.52
C VAL A 173 25.90 -14.07 16.83
N VAL A 174 24.98 -13.61 15.99
CA VAL A 174 25.09 -12.29 15.38
C VAL A 174 24.40 -11.27 16.28
N VAL A 175 25.09 -10.18 16.59
CA VAL A 175 24.53 -9.11 17.40
C VAL A 175 24.51 -7.80 16.66
N ILE A 176 23.31 -7.35 16.32
CA ILE A 176 23.11 -6.09 15.62
C ILE A 176 22.77 -4.99 16.61
N GLY A 177 23.76 -4.17 16.94
CA GLY A 177 23.57 -3.09 17.88
C GLY A 177 23.15 -1.82 17.19
N ILE A 178 21.96 -1.31 17.52
CA ILE A 178 21.38 -0.15 16.86
C ILE A 178 21.38 1.08 17.75
N SER A 179 22.02 2.14 17.26
CA SER A 179 21.99 3.43 17.94
C SER A 179 22.12 4.52 16.89
N VAL A 180 20.99 5.14 16.56
CA VAL A 180 20.95 6.18 15.54
C VAL A 180 22.04 7.23 15.77
N GLY A 181 22.19 7.71 17.00
CA GLY A 181 23.16 8.74 17.27
C GLY A 181 24.57 8.22 17.54
N LEU A 182 24.73 6.89 17.53
CA LEU A 182 25.99 6.27 17.95
C LEU A 182 26.37 6.75 19.35
N SER A 183 25.48 6.51 20.31
CA SER A 183 25.58 7.15 21.62
C SER A 183 25.43 6.15 22.76
N ALA A 184 24.48 5.23 22.63
CA ALA A 184 24.08 4.39 23.75
C ALA A 184 25.18 3.45 24.26
N PRO A 185 25.60 3.62 25.54
CA PRO A 185 26.58 2.75 26.23
C PRO A 185 26.14 1.30 26.17
N PHE A 186 24.83 1.13 26.25
CA PHE A 186 24.19 -0.16 26.19
C PHE A 186 24.65 -0.93 24.96
N VAL A 187 24.74 -0.24 23.83
CA VAL A 187 25.18 -0.87 22.59
C VAL A 187 26.70 -1.05 22.52
N ALA A 188 27.43 -0.02 22.95
CA ALA A 188 28.90 -0.03 22.93
C ALA A 188 29.50 -1.21 23.70
N GLY A 189 28.96 -1.47 24.89
CA GLY A 189 29.42 -2.55 25.72
C GLY A 189 29.30 -3.90 25.04
N GLN A 190 28.16 -4.11 24.36
CA GLN A 190 27.90 -5.34 23.65
C GLN A 190 28.89 -5.53 22.50
N MET A 191 29.12 -4.47 21.73
CA MET A 191 30.03 -4.54 20.60
C MET A 191 31.44 -4.87 21.06
N ASP A 192 31.86 -4.21 22.14
CA ASP A 192 33.20 -4.41 22.68
C ASP A 192 33.40 -5.84 23.15
N TYR A 193 32.40 -6.35 23.87
CA TYR A 193 32.44 -7.73 24.37
C TYR A 193 32.52 -8.74 23.22
N CYS A 194 31.76 -8.52 22.16
CA CYS A 194 31.76 -9.45 21.04
C CYS A 194 33.15 -9.63 20.40
N MET A 195 33.86 -8.53 20.20
CA MET A 195 35.17 -8.57 19.54
C MET A 195 36.29 -9.30 20.29
N ASP A 196 36.12 -9.53 21.59
CA ASP A 196 37.11 -10.29 22.37
C ASP A 196 36.92 -11.79 22.12
N ASN A 197 35.80 -12.15 21.48
CA ASN A 197 35.50 -13.54 21.16
C ASN A 197 34.72 -13.62 19.84
N THR A 198 35.47 -13.47 18.76
CA THR A 198 34.96 -13.50 17.41
C THR A 198 34.69 -14.91 16.90
N ALA A 199 35.07 -15.91 17.68
CA ALA A 199 34.77 -17.30 17.33
C ALA A 199 33.28 -17.58 17.47
N VAL A 200 32.63 -16.89 18.40
CA VAL A 200 31.20 -17.05 18.63
C VAL A 200 30.41 -15.86 18.10
N PHE A 201 30.83 -14.65 18.47
CA PHE A 201 30.04 -13.44 18.21
C PHE A 201 30.44 -12.67 16.95
N LEU A 202 29.44 -12.15 16.26
CA LEU A 202 29.59 -11.29 15.08
C LEU A 202 28.82 -10.00 15.32
N PRO A 203 29.53 -8.93 15.72
CA PRO A 203 28.82 -7.68 15.99
C PRO A 203 28.62 -6.79 14.76
N VAL A 204 27.43 -6.21 14.69
CA VAL A 204 27.07 -5.30 13.60
C VAL A 204 26.53 -4.00 14.18
N LEU A 205 27.20 -2.89 13.88
CA LEU A 205 26.77 -1.59 14.39
C LEU A 205 25.98 -0.78 13.38
N VAL A 206 24.78 -0.36 13.78
CA VAL A 206 23.89 0.45 12.95
C VAL A 206 23.65 1.85 13.52
N GLY A 207 23.95 2.87 12.73
CA GLY A 207 23.71 4.25 13.14
C GLY A 207 23.82 5.15 11.93
N PHE A 208 23.64 6.45 12.10
CA PHE A 208 23.53 7.34 10.94
C PHE A 208 24.41 8.60 10.98
N ASN A 209 25.58 8.47 11.59
CA ASN A 209 26.62 9.50 11.55
C ASN A 209 27.90 8.86 11.06
N PRO A 210 28.82 9.67 10.50
CA PRO A 210 30.15 9.09 10.32
C PRO A 210 30.70 8.68 11.67
N VAL A 211 31.51 7.62 11.70
CA VAL A 211 32.13 7.12 12.93
C VAL A 211 32.87 8.25 13.65
N SER A 212 33.53 9.10 12.88
CA SER A 212 34.30 10.22 13.42
C SER A 212 33.43 11.23 14.19
N MET A 213 32.11 11.13 14.03
CA MET A 213 31.18 12.01 14.73
C MET A 213 30.45 11.29 15.89
N ALA A 214 30.81 10.03 16.11
CA ALA A 214 30.29 9.25 17.24
C ALA A 214 30.67 9.89 18.57
N ARG A 215 29.85 9.70 19.60
CA ARG A 215 30.12 10.29 20.90
C ARG A 215 31.45 9.75 21.42
N ASN A 216 32.28 10.66 21.92
CA ASN A 216 33.58 10.33 22.48
C ASN A 216 33.71 10.72 23.94
N ASP A 217 32.59 10.95 24.63
CA ASP A 217 32.63 11.23 26.05
C ASP A 217 32.68 9.92 26.83
N PRO A 218 33.25 9.95 28.06
CA PRO A 218 33.43 8.72 28.84
C PRO A 218 32.13 8.02 29.25
N ILE A 219 32.17 6.70 29.16
CA ILE A 219 31.10 5.83 29.65
C ILE A 219 31.35 5.52 31.12
N GLU A 220 30.31 5.71 31.94
CA GLU A 220 30.43 5.55 33.38
C GLU A 220 30.92 4.17 33.79
N ASP A 221 30.47 3.13 33.08
CA ASP A 221 30.88 1.75 33.42
C ASP A 221 31.70 1.06 32.32
N TRP A 222 32.42 1.83 31.52
CA TRP A 222 33.25 1.25 30.47
C TRP A 222 34.53 2.08 30.21
N ARG A 223 35.62 1.41 29.85
CA ARG A 223 36.91 2.08 29.64
C ARG A 223 37.12 2.57 28.20
N SER A 224 36.18 2.26 27.32
CA SER A 224 36.22 2.76 25.94
C SER A 224 35.02 3.65 25.67
N THR A 225 35.20 4.69 24.86
CA THR A 225 34.08 5.52 24.45
C THR A 225 33.39 4.89 23.26
N PHE A 226 32.22 5.41 22.90
CA PHE A 226 31.50 4.90 21.75
C PHE A 226 32.32 5.05 20.49
N ARG A 227 32.97 6.19 20.32
CA ARG A 227 33.77 6.41 19.14
C ARG A 227 34.91 5.39 19.05
N GLN A 228 35.54 5.10 20.18
CA GLN A 228 36.61 4.11 20.25
C GLN A 228 36.23 2.66 19.91
N VAL A 229 35.07 2.20 20.39
CA VAL A 229 34.61 0.84 20.08
C VAL A 229 34.34 0.70 18.58
N ALA A 230 33.63 1.70 18.05
CA ALA A 230 33.28 1.74 16.63
C ALA A 230 34.51 1.81 15.74
N GLU A 231 35.53 2.53 16.20
CA GLU A 231 36.79 2.63 15.48
C GLU A 231 37.50 1.29 15.42
N ARG A 232 37.45 0.53 16.50
CA ARG A 232 38.04 -0.80 16.50
C ARG A 232 37.28 -1.73 15.56
N MET A 233 35.96 -1.58 15.50
CA MET A 233 35.13 -2.38 14.59
C MET A 233 35.49 -2.05 13.15
N GLN A 234 35.73 -0.78 12.88
CA GLN A 234 36.10 -0.36 11.54
C GLN A 234 37.39 -1.09 11.16
N LYS A 235 38.32 -1.15 12.10
CA LYS A 235 39.60 -1.83 11.90
C LYS A 235 39.37 -3.31 11.68
N MET A 236 38.44 -3.86 12.46
CA MET A 236 38.08 -5.27 12.41
C MET A 236 37.26 -5.63 11.17
N GLN A 237 36.53 -4.64 10.64
CA GLN A 237 35.74 -4.85 9.44
C GLN A 237 36.66 -5.20 8.28
N GLU A 238 37.89 -4.71 8.35
CA GLU A 238 38.90 -5.03 7.35
C GLU A 238 39.25 -6.52 7.35
N LYS A 239 39.00 -7.19 8.48
CA LYS A 239 39.24 -8.64 8.60
C LYS A 239 37.95 -9.48 8.57
N GLN A 240 36.84 -8.84 8.24
CA GLN A 240 35.50 -9.46 8.18
C GLN A 240 34.98 -10.12 9.46
N GLU A 241 35.41 -9.62 10.61
CA GLU A 241 35.01 -10.19 11.89
C GLU A 241 33.97 -9.32 12.60
N ALA A 242 33.72 -8.15 12.01
CA ALA A 242 32.74 -7.20 12.51
C ALA A 242 32.32 -6.26 11.39
N PHE A 243 31.16 -5.63 11.51
CA PHE A 243 30.72 -4.69 10.48
C PHE A 243 30.09 -3.43 11.06
N VAL A 244 30.47 -2.31 10.44
CA VAL A 244 29.95 -1.00 10.75
C VAL A 244 29.10 -0.46 9.59
N LEU A 245 27.80 -0.33 9.85
CA LEU A 245 26.85 0.15 8.86
C LEU A 245 26.32 1.55 9.20
N ASN A 246 27.00 2.60 8.76
CA ASN A 246 26.59 3.93 9.19
C ASN A 246 26.36 4.91 8.04
N PRO A 247 25.26 4.69 7.28
CA PRO A 247 24.82 5.51 6.15
C PRO A 247 24.40 6.92 6.57
N ALA A 248 24.47 7.87 5.66
CA ALA A 248 24.01 9.23 5.91
C ALA A 248 22.52 9.37 5.52
N ILE A 249 21.68 9.80 6.44
CA ILE A 249 20.24 9.99 6.14
C ILE A 249 19.83 11.43 6.45
N GLY A 250 20.68 12.13 7.18
CA GLY A 250 20.44 13.51 7.55
C GLY A 250 19.64 13.73 8.82
N PRO A 251 19.59 14.98 9.29
CA PRO A 251 18.93 15.42 10.52
C PRO A 251 17.41 15.28 10.48
N GLU A 252 16.80 15.22 11.67
CA GLU A 252 15.36 15.11 11.82
C GLU A 252 14.69 16.45 11.60
N GLY A 253 13.43 16.42 11.18
CA GLY A 253 12.64 17.62 10.99
C GLY A 253 12.51 18.30 12.34
N LEU A 254 12.46 17.49 13.40
CA LEU A 254 12.52 17.97 14.78
C LEU A 254 13.84 17.47 15.39
N SER A 255 14.74 18.40 15.67
CA SER A 255 16.11 18.07 16.07
C SER A 255 16.22 17.00 17.15
N GLY A 256 16.97 15.95 16.82
CA GLY A 256 17.22 14.86 17.75
C GLY A 256 16.10 13.85 17.90
N SER A 257 15.03 13.98 17.11
CA SER A 257 13.91 13.06 17.23
C SER A 257 14.23 11.80 16.42
N SER A 258 15.13 10.99 16.97
CA SER A 258 15.63 9.78 16.32
C SER A 258 14.53 8.77 15.98
N ARG A 259 13.39 8.89 16.66
CA ARG A 259 12.27 8.00 16.41
C ARG A 259 11.67 8.16 15.01
N MET A 260 11.89 9.31 14.38
CA MET A 260 11.26 9.63 13.10
C MET A 260 12.06 9.05 11.93
N LYS A 261 12.86 9.88 11.26
CA LYS A 261 13.64 9.39 10.14
C LYS A 261 14.52 8.24 10.57
N GLY A 262 15.16 8.40 11.73
CA GLY A 262 16.04 7.36 12.24
C GLY A 262 15.31 6.05 12.42
N GLY A 263 14.10 6.10 12.95
CA GLY A 263 13.30 4.90 13.16
C GLY A 263 12.91 4.29 11.84
N GLY A 264 12.49 5.14 10.89
CA GLY A 264 12.11 4.67 9.58
C GLY A 264 13.33 4.07 8.90
N ALA A 265 14.47 4.76 9.02
CA ALA A 265 15.71 4.31 8.40
C ALA A 265 16.22 3.02 9.06
N THR A 266 16.03 2.92 10.37
CA THR A 266 16.41 1.73 11.13
C THR A 266 15.63 0.56 10.57
N LYS A 267 14.33 0.81 10.42
CA LYS A 267 13.37 -0.17 9.96
C LYS A 267 13.73 -0.69 8.58
N ILE A 268 13.98 0.24 7.67
CA ILE A 268 14.27 -0.13 6.29
C ILE A 268 15.59 -0.82 6.06
N LEU A 269 16.63 -0.40 6.76
CA LEU A 269 17.94 -0.98 6.56
C LEU A 269 18.02 -2.46 6.92
N LEU A 270 17.47 -2.80 8.08
CA LEU A 270 17.51 -4.16 8.59
C LEU A 270 16.58 -5.11 7.85
N GLU A 271 15.37 -4.63 7.60
CA GLU A 271 14.37 -5.40 6.88
C GLU A 271 14.85 -5.74 5.50
N THR A 272 15.51 -4.78 4.86
CA THR A 272 15.96 -4.97 3.50
C THR A 272 17.06 -6.03 3.41
N LEU A 273 18.09 -5.91 4.23
CA LEU A 273 19.17 -6.88 4.16
C LEU A 273 18.78 -8.28 4.68
N LEU A 274 17.94 -8.34 5.70
CA LEU A 274 17.53 -9.63 6.26
C LEU A 274 16.59 -10.40 5.35
N LEU A 275 15.65 -9.69 4.72
CA LEU A 275 14.77 -10.29 3.73
C LEU A 275 15.55 -10.88 2.59
N ALA A 276 16.58 -10.13 2.19
CA ALA A 276 17.45 -10.55 1.11
C ALA A 276 18.18 -11.82 1.48
N ALA A 277 18.61 -11.92 2.73
CA ALA A 277 19.31 -13.12 3.17
C ALA A 277 18.42 -14.35 3.12
N HIS A 278 17.19 -14.25 3.62
CA HIS A 278 16.27 -15.37 3.58
C HIS A 278 15.87 -15.75 2.15
N LYS A 279 15.66 -14.74 1.33
CA LYS A 279 15.30 -14.93 -0.07
C LYS A 279 16.40 -15.61 -0.90
N THR A 280 17.65 -15.29 -0.60
CA THR A 280 18.82 -15.85 -1.27
C THR A 280 18.96 -17.36 -1.13
N VAL A 281 18.82 -17.86 0.09
CA VAL A 281 18.98 -19.29 0.36
C VAL A 281 17.79 -20.07 -0.21
N VAL A 286 25.69 -16.29 -6.70
CA VAL A 286 24.63 -15.88 -5.79
C VAL A 286 24.62 -14.37 -5.63
N SER A 287 23.82 -13.71 -6.47
CA SER A 287 23.75 -12.26 -6.49
C SER A 287 22.43 -11.79 -5.87
N SER A 288 22.54 -11.01 -4.81
CA SER A 288 21.41 -10.45 -4.11
C SER A 288 21.49 -8.94 -4.11
N GLN A 289 22.53 -8.39 -4.74
CA GLN A 289 22.64 -6.94 -4.88
C GLN A 289 21.38 -6.49 -5.60
N ARG A 290 21.02 -7.28 -6.60
CA ARG A 290 19.86 -7.04 -7.44
C ARG A 290 18.62 -6.98 -6.55
N CYS A 291 18.51 -7.99 -5.68
CA CYS A 291 17.39 -8.13 -4.76
C CYS A 291 17.31 -7.04 -3.70
N LEU A 292 18.43 -6.65 -3.10
CA LEU A 292 18.41 -5.61 -2.06
C LEU A 292 17.80 -4.33 -2.61
N LEU A 293 18.15 -3.97 -3.84
CA LEU A 293 17.62 -2.78 -4.49
C LEU A 293 16.12 -2.87 -4.77
N GLU A 294 15.65 -4.05 -5.13
CA GLU A 294 14.24 -4.31 -5.41
C GLU A 294 13.40 -4.03 -4.19
N ILE A 295 13.93 -4.37 -3.03
CA ILE A 295 13.27 -4.16 -1.76
C ILE A 295 13.30 -2.69 -1.37
N LEU A 296 14.47 -2.07 -1.48
CA LEU A 296 14.63 -0.65 -1.16
C LEU A 296 13.67 0.17 -2.00
N ARG A 297 13.52 -0.21 -3.25
CA ARG A 297 12.60 0.48 -4.11
C ARG A 297 11.14 0.27 -3.66
N THR A 298 10.88 -0.82 -2.92
CA THR A 298 9.55 -1.03 -2.35
C THR A 298 9.20 -0.04 -1.23
N PHE A 299 10.17 0.21 -0.36
CA PHE A 299 10.03 1.18 0.72
C PHE A 299 9.90 2.61 0.19
N GLU A 300 10.60 2.85 -0.92
CA GLU A 300 10.53 4.14 -1.57
C GLU A 300 9.12 4.43 -2.02
N ARG A 301 8.47 3.44 -2.60
CA ARG A 301 7.09 3.61 -3.04
C ARG A 301 6.12 3.89 -1.90
N ALA A 302 6.39 3.35 -0.72
CA ALA A 302 5.50 3.60 0.41
C ALA A 302 5.47 5.07 0.76
N HIS A 303 6.54 5.80 0.43
CA HIS A 303 6.56 7.23 0.73
C HIS A 303 5.56 8.02 -0.13
N GLN A 304 5.56 7.78 -1.44
CA GLN A 304 4.63 8.45 -2.34
C GLN A 304 3.19 8.11 -2.00
N VAL A 305 2.94 6.84 -1.74
CA VAL A 305 1.60 6.37 -1.41
C VAL A 305 1.03 7.07 -0.18
N THR A 306 1.83 7.18 0.87
CA THR A 306 1.36 7.80 2.11
C THR A 306 1.14 9.29 1.94
N TYR A 307 2.16 9.99 1.44
CA TYR A 307 2.09 11.43 1.33
C TYR A 307 1.24 11.95 0.18
N SER A 308 0.69 11.06 -0.64
CA SER A 308 -0.29 11.51 -1.62
C SER A 308 -1.57 11.94 -0.91
N GLN A 309 -1.72 11.49 0.33
CA GLN A 309 -2.85 11.83 1.18
C GLN A 309 -2.57 13.02 2.10
N SER A 310 -1.57 13.83 1.76
CA SER A 310 -1.19 14.97 2.58
C SER A 310 -2.38 15.87 2.95
N SER A 311 -3.27 16.14 2.00
CA SER A 311 -4.44 16.99 2.27
C SER A 311 -5.28 16.41 3.41
N LYS A 312 -5.53 15.10 3.39
CA LYS A 312 -6.34 14.43 4.41
C LYS A 312 -5.58 14.34 5.73
N ILE A 313 -4.27 14.20 5.66
CA ILE A 313 -3.41 14.21 6.85
C ILE A 313 -3.48 15.55 7.58
N ALA A 314 -3.44 16.64 6.80
CA ALA A 314 -3.50 17.96 7.38
C ALA A 314 -4.84 18.21 8.08
N THR A 315 -5.94 17.75 7.48
CA THR A 315 -7.25 17.93 8.09
C THR A 315 -7.25 17.17 9.41
N LEU A 316 -6.69 15.96 9.38
CA LEU A 316 -6.57 15.13 10.57
C LEU A 316 -5.69 15.78 11.60
N MET A 317 -4.58 16.36 11.16
CA MET A 317 -3.67 17.05 12.07
C MET A 317 -4.44 18.12 12.84
N LYS A 318 -5.31 18.85 12.15
CA LYS A 318 -6.10 19.88 12.79
C LYS A 318 -7.10 19.29 13.78
N GLN A 319 -7.72 18.17 13.42
CA GLN A 319 -8.67 17.52 14.32
C GLN A 319 -8.03 17.09 15.64
N VAL A 320 -6.87 16.44 15.55
CA VAL A 320 -6.17 15.98 16.74
C VAL A 320 -5.71 17.18 17.57
N GLY A 321 -5.16 18.18 16.90
CA GLY A 321 -4.66 19.37 17.56
C GLY A 321 -5.77 20.11 18.27
N ILE A 322 -6.95 20.16 17.65
CA ILE A 322 -8.11 20.80 18.25
C ILE A 322 -8.52 20.13 19.56
N SER A 323 -8.55 18.80 19.56
CA SER A 323 -8.90 18.04 20.76
C SER A 323 -7.94 18.30 21.90
N LEU A 324 -6.64 18.25 21.61
CA LEU A 324 -5.61 18.48 22.61
C LEU A 324 -5.65 19.89 23.21
N GLU A 325 -5.88 20.91 22.39
CA GLU A 325 -5.93 22.28 22.88
C GLU A 325 -7.09 22.40 23.85
N LYS A 326 -8.13 21.62 23.58
CA LYS A 326 -9.37 21.63 24.36
C LYS A 326 -9.31 20.61 25.51
N LYS A 327 -8.11 20.31 26.00
CA LYS A 327 -7.94 19.40 27.12
C LYS A 327 -8.53 18.03 26.83
N GLY A 328 -8.70 17.70 25.55
CA GLY A 328 -9.18 16.40 25.16
C GLY A 328 -8.11 15.34 25.11
N ARG A 329 -8.52 14.09 24.91
CA ARG A 329 -7.60 12.97 24.86
C ARG A 329 -7.64 12.32 23.49
N VAL A 330 -6.58 11.60 23.15
CA VAL A 330 -6.44 10.97 21.85
C VAL A 330 -6.18 9.48 21.96
N HIS A 331 -7.02 8.68 21.29
CA HIS A 331 -6.92 7.23 21.35
C HIS A 331 -6.61 6.63 19.99
N LEU A 332 -5.61 5.76 19.94
CA LEU A 332 -5.16 5.14 18.70
C LEU A 332 -5.47 3.66 18.74
N VAL A 333 -6.50 3.23 18.01
CA VAL A 333 -6.93 1.84 18.13
C VAL A 333 -6.47 1.09 16.91
N GLY A 334 -5.39 0.31 17.05
CA GLY A 334 -4.83 -0.39 15.93
C GLY A 334 -4.97 -1.90 15.98
N TRP A 335 -5.24 -2.49 14.82
CA TRP A 335 -5.38 -3.94 14.68
C TRP A 335 -4.04 -4.61 14.44
N GLN A 336 -3.84 -5.71 15.14
CA GLN A 336 -2.65 -6.54 15.00
C GLN A 336 -1.38 -5.71 15.23
N THR A 337 -0.36 -5.90 14.41
CA THR A 337 0.88 -5.17 14.60
C THR A 337 0.75 -3.66 14.41
N LEU A 338 -0.27 -3.21 13.69
CA LEU A 338 -0.47 -1.77 13.56
C LEU A 338 -0.89 -1.12 14.88
N GLY A 339 -1.45 -1.91 15.79
CA GLY A 339 -1.76 -1.46 17.13
C GLY A 339 -0.53 -1.17 17.97
N ILE A 340 0.50 -1.99 17.76
CA ILE A 340 1.79 -1.85 18.43
C ILE A 340 2.46 -0.56 17.99
N ILE A 341 2.40 -0.31 16.69
CA ILE A 341 2.94 0.89 16.10
C ILE A 341 2.25 2.11 16.66
N ALA A 342 0.93 2.00 16.84
CA ALA A 342 0.16 3.09 17.41
C ALA A 342 0.63 3.37 18.84
N ILE A 343 0.80 2.31 19.63
CA ILE A 343 1.27 2.45 21.00
C ILE A 343 2.64 3.10 21.04
N MET A 344 3.52 2.67 20.15
CA MET A 344 4.87 3.20 20.09
C MET A 344 4.88 4.69 19.81
N ASP A 345 3.90 5.15 19.03
CA ASP A 345 3.85 6.56 18.67
C ASP A 345 3.44 7.39 19.87
N GLY A 346 2.33 7.01 20.49
CA GLY A 346 1.76 7.79 21.58
C GLY A 346 2.77 7.85 22.72
N VAL A 347 3.30 6.68 23.07
CA VAL A 347 4.23 6.56 24.18
C VAL A 347 5.46 7.45 24.03
N GLU A 348 5.91 7.66 22.82
CA GLU A 348 7.10 8.49 22.58
C GLU A 348 6.83 9.98 22.78
N CYS A 349 5.57 10.39 22.78
CA CYS A 349 5.21 11.80 23.00
C CYS A 349 5.54 12.30 24.41
N ILE A 350 5.54 11.39 25.38
CA ILE A 350 5.78 11.75 26.77
C ILE A 350 7.14 12.44 26.96
N HIS A 351 8.22 11.76 26.58
CA HIS A 351 9.56 12.31 26.74
C HIS A 351 9.91 13.32 25.66
N THR A 352 9.40 13.12 24.44
CA THR A 352 9.79 13.96 23.31
C THR A 352 9.23 15.36 23.59
N PHE A 353 8.02 15.38 24.12
CA PHE A 353 7.25 16.60 24.34
C PHE A 353 6.93 16.62 25.82
N GLY A 354 5.82 17.23 26.21
CA GLY A 354 5.47 17.31 27.61
C GLY A 354 4.03 16.86 27.80
N ALA A 355 3.54 16.05 26.88
CA ALA A 355 2.19 15.52 26.96
C ALA A 355 2.07 14.53 28.11
N ASP A 356 0.84 14.33 28.59
CA ASP A 356 0.55 13.32 29.59
C ASP A 356 0.36 12.00 28.87
N PHE A 357 0.61 10.89 29.56
CA PHE A 357 0.43 9.57 28.98
C PHE A 357 -1.01 9.33 28.53
N GLN A 358 -1.95 10.06 29.10
CA GLN A 358 -3.36 9.93 28.77
C GLN A 358 -3.72 10.64 27.46
N ASP A 359 -2.83 11.52 27.02
CA ASP A 359 -3.09 12.41 25.88
C ASP A 359 -3.21 11.57 24.63
N ILE A 360 -2.19 10.75 24.37
CA ILE A 360 -2.14 9.92 23.17
C ILE A 360 -1.80 8.50 23.56
N ARG A 361 -2.73 7.58 23.33
CA ARG A 361 -2.55 6.19 23.69
C ARG A 361 -2.92 5.25 22.56
N GLY A 362 -2.06 4.26 22.33
CA GLY A 362 -2.34 3.23 21.35
C GLY A 362 -2.97 2.02 22.01
N PHE A 363 -3.79 1.29 21.28
CA PHE A 363 -4.45 0.10 21.81
C PHE A 363 -4.39 -1.02 20.78
N LEU A 364 -4.29 -2.25 21.26
CA LEU A 364 -4.21 -3.41 20.39
C LEU A 364 -5.45 -4.30 20.45
N ILE A 365 -6.14 -4.45 19.32
CA ILE A 365 -7.26 -5.38 19.23
C ILE A 365 -6.73 -6.67 18.60
N GLY A 366 -6.93 -7.80 19.26
CA GLY A 366 -6.45 -9.07 18.73
C GLY A 366 -5.52 -9.78 19.69
N ASP A 367 -4.81 -10.78 19.17
CA ASP A 367 -3.92 -11.60 19.97
C ASP A 367 -2.61 -10.89 20.28
N THR A 394 -13.75 -2.06 26.31
CA THR A 394 -14.54 -2.58 27.41
C THR A 394 -14.34 -1.81 28.73
N SER A 395 -13.13 -1.29 28.93
CA SER A 395 -12.75 -0.56 30.16
C SER A 395 -12.67 0.94 29.88
N ILE A 396 -12.23 1.24 28.67
CA ILE A 396 -11.97 2.59 28.18
C ILE A 396 -13.23 3.14 27.51
N LEU A 397 -13.73 2.39 26.54
CA LEU A 397 -14.88 2.77 25.74
C LEU A 397 -16.01 3.27 26.62
N PRO A 398 -16.36 2.52 27.68
CA PRO A 398 -17.45 3.04 28.52
C PRO A 398 -17.14 4.40 29.17
N SER A 399 -15.85 4.76 29.29
CA SER A 399 -15.47 6.04 29.91
C SER A 399 -15.02 7.11 28.92
N LEU A 400 -15.11 6.81 27.63
CA LEU A 400 -14.77 7.76 26.57
C LEU A 400 -15.71 8.95 26.63
N THR A 401 -15.20 10.16 26.39
CA THR A 401 -16.08 11.32 26.37
C THR A 401 -16.02 12.07 25.03
N GLU A 402 -16.93 13.03 24.87
CA GLU A 402 -17.07 13.81 23.64
C GLU A 402 -15.88 14.69 23.24
N THR A 403 -14.96 14.99 24.16
CA THR A 403 -13.81 15.81 23.81
C THR A 403 -12.62 14.96 23.39
N ASP A 404 -12.76 13.65 23.53
CA ASP A 404 -11.70 12.74 23.17
C ASP A 404 -11.76 12.44 21.68
N THR A 405 -10.62 12.11 21.09
CA THR A 405 -10.59 11.74 19.69
C THR A 405 -10.12 10.29 19.57
N VAL A 406 -10.78 9.52 18.73
CA VAL A 406 -10.35 8.15 18.47
C VAL A 406 -10.15 7.91 16.98
N VAL A 407 -8.94 7.45 16.68
CA VAL A 407 -8.50 7.07 15.34
C VAL A 407 -8.36 5.56 15.22
N PHE A 408 -8.98 4.96 14.21
CA PHE A 408 -8.90 3.52 14.03
C PHE A 408 -7.99 3.17 12.86
N ILE A 409 -7.03 2.28 13.11
CA ILE A 409 -6.06 1.89 12.09
C ILE A 409 -6.13 0.39 11.89
N PHE A 410 -6.42 -0.02 10.67
CA PHE A 410 -6.59 -1.44 10.36
C PHE A 410 -6.34 -1.69 8.87
N THR A 411 -6.35 -2.96 8.48
CA THR A 411 -6.25 -3.33 7.08
C THR A 411 -7.52 -4.04 6.71
N LEU A 412 -7.76 -4.22 5.41
CA LEU A 412 -8.94 -4.92 4.96
C LEU A 412 -8.82 -6.44 5.10
N ASP A 413 -7.70 -6.91 5.64
CA ASP A 413 -7.54 -8.33 5.93
C ASP A 413 -7.85 -8.61 7.39
N ASP A 414 -8.13 -7.55 8.14
CA ASP A 414 -8.51 -7.65 9.55
C ASP A 414 -9.97 -8.05 9.70
N ASN A 415 -10.38 -8.30 10.94
CA ASN A 415 -11.76 -8.66 11.23
C ASN A 415 -12.63 -7.40 11.18
N LEU A 416 -13.25 -7.17 10.02
CA LEU A 416 -14.06 -5.97 9.80
C LEU A 416 -15.36 -5.98 10.56
N THR A 417 -15.77 -7.15 11.00
CA THR A 417 -16.95 -7.29 11.86
C THR A 417 -16.65 -6.72 13.24
N GLU A 418 -15.48 -7.06 13.78
CA GLU A 418 -15.06 -6.55 15.08
C GLU A 418 -14.89 -5.03 15.03
N VAL A 419 -14.28 -4.55 13.95
CA VAL A 419 -14.09 -3.13 13.71
C VAL A 419 -15.40 -2.38 13.71
N GLN A 420 -16.33 -2.88 12.90
CA GLN A 420 -17.65 -2.29 12.73
C GLN A 420 -18.43 -2.18 14.03
N ALA A 421 -18.38 -3.23 14.84
CA ALA A 421 -19.10 -3.25 16.11
C ALA A 421 -18.61 -2.12 17.00
N LEU A 422 -17.29 -2.03 17.13
CA LEU A 422 -16.68 -1.01 17.97
C LEU A 422 -16.91 0.37 17.38
N ALA A 423 -16.79 0.47 16.06
CA ALA A 423 -17.01 1.72 15.35
C ALA A 423 -18.43 2.28 15.53
N GLU A 424 -19.43 1.42 15.39
CA GLU A 424 -20.83 1.82 15.55
C GLU A 424 -21.16 2.34 16.96
N ARG A 425 -20.58 1.71 17.97
CA ARG A 425 -20.78 2.12 19.36
C ARG A 425 -20.23 3.52 19.64
N VAL A 426 -19.05 3.81 19.12
CA VAL A 426 -18.45 5.13 19.28
C VAL A 426 -19.26 6.18 18.51
N ARG A 427 -20.06 6.96 19.21
CA ARG A 427 -20.89 7.98 18.59
C ARG A 427 -21.76 8.70 19.63
N CYS A 430 -17.25 12.04 20.60
CA CYS A 430 -17.43 10.70 20.08
C CYS A 430 -17.75 10.69 18.60
N GLN A 431 -18.19 11.83 18.05
CA GLN A 431 -18.41 11.97 16.62
C GLN A 431 -17.14 12.37 15.85
N ASN A 432 -16.11 12.82 16.57
CA ASN A 432 -14.87 13.34 15.96
C ASN A 432 -14.02 12.12 15.62
N ILE A 433 -14.43 11.39 14.58
CA ILE A 433 -13.72 10.18 14.16
C ILE A 433 -13.23 10.17 12.73
N GLN A 434 -12.11 9.46 12.58
CA GLN A 434 -11.44 9.23 11.30
C GLN A 434 -10.69 7.90 11.40
N ALA A 435 -10.45 7.29 10.25
CA ALA A 435 -9.72 6.03 10.16
C ALA A 435 -8.62 6.07 9.11
N LEU A 436 -7.57 5.28 9.36
CA LEU A 436 -6.50 5.06 8.40
C LEU A 436 -6.49 3.57 8.02
N VAL A 437 -6.90 3.32 6.78
CA VAL A 437 -7.00 1.96 6.24
C VAL A 437 -6.10 1.62 5.07
N HIS A 438 -5.30 0.58 5.23
CA HIS A 438 -4.44 0.14 4.15
C HIS A 438 -5.17 -0.99 3.45
N SER A 439 -5.19 -0.95 2.12
CA SER A 439 -5.82 -2.01 1.33
C SER A 439 -4.94 -2.36 0.15
N THR A 440 -5.18 -3.54 -0.43
CA THR A 440 -4.54 -3.95 -1.69
C THR A 440 -5.49 -3.65 -2.86
N VAL A 441 -4.96 -3.14 -3.96
CA VAL A 441 -5.74 -2.89 -5.17
C VAL A 441 -6.64 -4.07 -5.52
N GLY A 442 -7.93 -3.82 -5.73
CA GLY A 442 -8.88 -4.89 -6.00
C GLY A 442 -9.91 -5.05 -4.90
N GLN A 443 -9.47 -4.86 -3.66
CA GLN A 443 -10.37 -4.97 -2.51
C GLN A 443 -11.12 -3.66 -2.38
N SER A 444 -12.33 -3.70 -1.85
CA SER A 444 -13.05 -2.46 -1.60
C SER A 444 -13.65 -2.48 -0.21
N LEU A 445 -13.72 -1.29 0.38
CA LEU A 445 -14.25 -1.15 1.72
C LEU A 445 -15.77 -1.41 1.76
N PRO A 446 -16.26 -2.19 2.74
CA PRO A 446 -17.70 -2.43 2.87
C PRO A 446 -18.54 -1.13 2.94
N ALA A 447 -19.74 -1.16 2.34
CA ALA A 447 -20.65 -0.01 2.32
C ALA A 447 -20.90 0.62 3.71
N PRO A 448 -21.15 -0.20 4.75
CA PRO A 448 -21.42 0.31 6.11
C PRO A 448 -20.27 1.12 6.73
N LEU A 449 -19.03 0.77 6.36
CA LEU A 449 -17.84 1.46 6.83
C LEU A 449 -17.66 2.77 6.08
N LYS A 450 -18.07 2.80 4.82
CA LYS A 450 -18.04 4.03 4.03
C LYS A 450 -18.96 5.09 4.66
N LYS A 451 -20.11 4.66 5.16
CA LYS A 451 -21.05 5.58 5.79
C LYS A 451 -20.52 6.10 7.12
N LEU A 452 -19.83 5.24 7.86
CA LEU A 452 -19.22 5.64 9.14
C LEU A 452 -18.00 6.55 8.97
N PHE A 453 -17.27 6.35 7.87
CA PHE A 453 -16.08 7.12 7.54
C PHE A 453 -16.16 7.81 6.17
N PRO A 454 -16.95 8.88 6.07
CA PRO A 454 -17.06 9.55 4.76
C PRO A 454 -15.78 10.27 4.30
N SER A 455 -14.80 10.44 5.18
CA SER A 455 -13.52 11.06 4.80
C SER A 455 -12.34 10.17 5.12
N LEU A 456 -12.55 8.85 5.09
CA LEU A 456 -11.52 7.87 5.42
C LEU A 456 -10.24 8.13 4.65
N ILE A 457 -9.12 7.88 5.32
CA ILE A 457 -7.80 7.95 4.70
C ILE A 457 -7.50 6.59 4.09
N SER A 458 -7.68 6.54 2.77
CA SER A 458 -7.54 5.32 2.00
C SER A 458 -6.18 5.24 1.34
N ILE A 459 -5.44 4.22 1.75
CA ILE A 459 -4.11 3.95 1.22
C ILE A 459 -4.11 2.67 0.40
N THR A 460 -3.87 2.83 -0.89
CA THR A 460 -3.91 1.73 -1.85
C THR A 460 -2.48 1.29 -2.17
N TRP A 461 -2.28 -0.03 -2.17
CA TRP A 461 -0.97 -0.63 -2.37
C TRP A 461 -0.95 -1.47 -3.63
N PRO A 462 0.06 -1.29 -4.50
CA PRO A 462 0.18 -2.18 -5.66
C PRO A 462 0.50 -3.61 -5.28
N LEU A 463 0.16 -4.59 -6.14
CA LEU A 463 0.51 -5.96 -5.84
C LEU A 463 2.00 -6.25 -5.93
N LEU A 464 2.45 -7.16 -5.08
CA LEU A 464 3.83 -7.62 -5.08
C LEU A 464 3.88 -9.04 -5.59
N PHE A 465 4.91 -9.38 -6.36
CA PHE A 465 4.97 -10.72 -6.92
C PHE A 465 6.18 -11.46 -6.31
N PHE A 466 6.67 -10.98 -5.17
CA PHE A 466 7.73 -11.65 -4.43
C PHE A 466 7.33 -12.98 -3.84
N ASP A 467 7.95 -14.06 -4.30
CA ASP A 467 7.58 -15.40 -3.84
C ASP A 467 7.61 -15.50 -2.32
N TYR A 468 6.51 -15.86 -1.66
CA TYR A 468 6.54 -15.95 -0.20
C TYR A 468 6.68 -14.65 0.60
N GLU A 469 7.67 -13.83 0.28
CA GLU A 469 7.99 -12.69 1.12
C GLU A 469 7.20 -11.48 0.68
N GLY A 470 6.47 -11.64 -0.42
CA GLY A 470 5.63 -10.59 -0.98
C GLY A 470 4.88 -10.00 0.18
N THR A 471 4.17 -10.88 0.90
CA THR A 471 3.32 -10.48 2.02
C THR A 471 4.10 -9.90 3.19
N TYR A 472 5.29 -10.39 3.44
CA TYR A 472 6.09 -9.84 4.54
C TYR A 472 6.53 -8.43 4.17
N VAL A 473 6.98 -8.24 2.94
CA VAL A 473 7.39 -6.92 2.47
C VAL A 473 6.16 -6.02 2.49
N GLN A 474 5.02 -6.60 2.11
CA GLN A 474 3.73 -5.92 2.12
C GLN A 474 3.44 -5.40 3.51
N LYS A 475 3.68 -6.26 4.49
CA LYS A 475 3.48 -5.90 5.88
C LYS A 475 4.39 -4.80 6.37
N PHE A 476 5.69 -4.91 6.08
CA PHE A 476 6.67 -3.95 6.57
C PHE A 476 6.43 -2.55 6.03
N GLN A 477 6.08 -2.44 4.76
CA GLN A 477 5.83 -1.13 4.18
C GLN A 477 4.56 -0.52 4.79
N ARG A 478 3.60 -1.37 5.17
CA ARG A 478 2.39 -0.87 5.81
C ARG A 478 2.68 -0.34 7.22
N GLU A 479 3.59 -1.02 7.91
CA GLU A 479 4.00 -0.59 9.23
C GLU A 479 4.73 0.74 9.18
N LEU A 480 5.61 0.88 8.20
CA LEU A 480 6.38 2.10 8.02
C LEU A 480 5.49 3.26 7.64
N SER A 481 4.53 3.00 6.76
CA SER A 481 3.56 3.99 6.35
C SER A 481 2.77 4.53 7.52
N THR A 482 2.28 3.62 8.36
CA THR A 482 1.53 4.01 9.56
C THR A 482 2.40 4.87 10.47
N LYS A 483 3.65 4.46 10.66
CA LYS A 483 4.59 5.17 11.50
C LYS A 483 4.80 6.60 11.01
N TRP A 484 4.97 6.76 9.70
CA TRP A 484 5.16 8.08 9.10
C TRP A 484 3.96 8.99 9.34
N VAL A 485 2.76 8.45 9.13
CA VAL A 485 1.56 9.24 9.32
C VAL A 485 1.46 9.66 10.78
N LEU A 486 1.58 8.70 11.69
CA LEU A 486 1.42 8.98 13.12
C LEU A 486 2.51 9.90 13.66
N ASN A 487 3.76 9.70 13.23
CA ASN A 487 4.87 10.51 13.71
C ASN A 487 4.70 11.92 13.19
N THR A 488 4.18 12.03 11.98
CA THR A 488 3.91 13.33 11.37
C THR A 488 2.75 14.04 12.08
N VAL A 489 1.71 13.28 12.39
CA VAL A 489 0.54 13.81 13.08
C VAL A 489 0.85 14.29 14.50
N SER A 490 1.52 13.43 15.27
CA SER A 490 1.83 13.74 16.66
C SER A 490 2.84 14.86 16.72
N THR A 491 3.82 14.83 15.82
CA THR A 491 4.81 15.89 15.74
C THR A 491 4.10 17.19 15.38
N GLY A 492 3.31 17.17 14.31
CA GLY A 492 2.60 18.34 13.83
C GLY A 492 1.66 18.87 14.88
N ALA A 493 0.97 17.95 15.56
CA ALA A 493 -0.02 18.32 16.59
C ALA A 493 0.57 19.14 17.74
N HIS A 494 1.81 18.83 18.14
CA HIS A 494 2.49 19.54 19.21
C HIS A 494 3.06 20.88 18.76
N VAL A 495 3.55 20.94 17.53
CA VAL A 495 4.05 22.18 16.95
C VAL A 495 3.01 23.29 16.90
N LEU A 496 1.80 22.95 16.51
CA LEU A 496 0.74 23.94 16.41
C LEU A 496 0.39 24.59 17.75
N LEU A 497 0.73 23.94 18.86
CA LEU A 497 0.42 24.49 20.16
C LEU A 497 1.57 25.32 20.73
N GLY A 498 2.59 25.57 19.93
CA GLY A 498 3.70 26.40 20.36
C GLY A 498 4.62 25.70 21.34
N LYS A 499 4.78 24.38 21.23
CA LYS A 499 5.60 23.65 22.19
C LYS A 499 7.04 23.45 21.74
N ILE A 500 7.40 24.06 20.61
CA ILE A 500 8.77 24.01 20.09
C ILE A 500 9.24 25.38 19.69
N LEU A 501 10.51 25.46 19.35
CA LEU A 501 11.10 26.69 18.87
C LEU A 501 12.00 26.36 17.69
N GLN A 502 11.69 26.98 16.55
CA GLN A 502 12.35 26.65 15.30
C GLN A 502 12.10 25.18 15.07
N ASN A 503 13.13 24.33 15.18
CA ASN A 503 12.93 22.89 15.14
C ASN A 503 13.59 22.19 16.32
N HIS A 504 13.53 22.82 17.49
CA HIS A 504 14.10 22.24 18.71
C HIS A 504 13.09 21.97 19.84
N MET A 505 13.37 20.92 20.61
CA MET A 505 12.51 20.49 21.71
C MET A 505 12.85 21.43 22.87
N LEU A 506 12.41 22.68 22.79
CA LEU A 506 12.69 23.66 23.83
C LEU A 506 12.25 23.28 25.25
N ASP A 507 11.11 22.61 25.38
CA ASP A 507 10.59 22.27 26.70
C ASP A 507 11.01 20.86 27.12
N LEU A 508 12.06 20.35 26.49
CA LEU A 508 12.59 19.02 26.81
C LEU A 508 12.88 18.83 28.31
N ARG A 509 12.66 17.60 28.78
CA ARG A 509 13.13 17.14 30.09
C ARG A 509 14.38 16.29 29.94
N ILE A 510 15.41 16.62 30.71
CA ILE A 510 16.68 15.92 30.68
C ILE A 510 16.66 14.60 31.46
N ALA A 511 16.25 13.53 30.77
CA ALA A 511 16.02 12.23 31.38
C ALA A 511 17.19 11.26 31.19
N ASN A 512 18.15 11.61 30.36
CA ASN A 512 19.39 10.83 30.24
C ASN A 512 20.56 11.64 29.71
N SER A 513 21.74 11.03 29.67
CA SER A 513 22.95 11.72 29.25
C SER A 513 22.97 12.24 27.81
N LYS A 514 22.40 11.49 26.87
CA LYS A 514 22.33 11.96 25.48
C LYS A 514 21.58 13.28 25.39
N LEU A 515 20.47 13.35 26.12
CA LEU A 515 19.60 14.52 26.13
C LEU A 515 20.24 15.70 26.85
N PHE A 516 21.06 15.38 27.85
CA PHE A 516 21.81 16.41 28.55
C PHE A 516 22.76 17.13 27.62
N TRP A 517 23.52 16.39 26.83
CA TRP A 517 24.44 17.00 25.87
C TRP A 517 23.65 17.78 24.84
N ARG A 518 22.48 17.25 24.49
CA ARG A 518 21.58 17.87 23.54
C ARG A 518 21.06 19.18 24.10
N ALA A 519 20.76 19.15 25.40
CA ALA A 519 20.25 20.31 26.13
C ALA A 519 21.31 21.41 26.12
N LEU A 520 22.54 21.00 26.39
CA LEU A 520 23.71 21.89 26.42
C LEU A 520 23.94 22.53 25.06
N ALA A 521 23.86 21.73 24.00
CA ALA A 521 24.06 22.21 22.64
C ALA A 521 23.02 23.27 22.26
N MET A 522 21.80 23.10 22.76
CA MET A 522 20.72 24.04 22.49
C MET A 522 21.03 25.41 23.07
N LEU A 523 21.64 25.44 24.25
CA LEU A 523 22.02 26.69 24.90
C LEU A 523 23.10 27.43 24.13
N GLN A 524 24.08 26.68 23.63
CA GLN A 524 25.16 27.25 22.83
C GLN A 524 24.63 27.86 21.54
N ARG A 525 23.73 27.13 20.89
CA ARG A 525 23.14 27.58 19.63
C ARG A 525 22.34 28.87 19.75
N PHE A 526 21.47 28.95 20.75
CA PHE A 526 20.58 30.11 20.87
C PHE A 526 21.21 31.31 21.56
N SER A 527 22.20 31.06 22.42
CA SER A 527 22.87 32.15 23.12
C SER A 527 24.13 32.62 22.38
N GLY A 528 24.81 31.70 21.71
CA GLY A 528 26.07 32.03 21.06
C GLY A 528 27.19 32.21 22.06
N GLN A 529 26.93 31.87 23.32
CA GLN A 529 27.90 32.03 24.40
C GLN A 529 28.81 30.81 24.52
N SER A 530 29.94 31.00 25.19
CA SER A 530 30.95 29.95 25.33
C SER A 530 30.37 28.67 25.93
N LYS A 531 31.04 27.55 25.65
CA LYS A 531 30.67 26.25 26.19
C LYS A 531 30.69 26.28 27.72
N ALA A 532 31.69 26.95 28.28
CA ALA A 532 31.85 27.10 29.72
C ALA A 532 30.70 27.85 30.39
N ARG A 533 30.25 28.94 29.79
CA ARG A 533 29.15 29.73 30.34
C ARG A 533 27.83 28.94 30.35
N CYS A 534 27.59 28.19 29.28
CA CYS A 534 26.35 27.41 29.15
C CYS A 534 26.24 26.20 30.09
N ILE A 535 27.35 25.50 30.30
CA ILE A 535 27.38 24.34 31.21
C ILE A 535 27.06 24.81 32.64
N GLU A 536 27.72 25.87 33.08
CA GLU A 536 27.53 26.42 34.41
C GLU A 536 26.05 26.77 34.64
N SER A 537 25.42 27.44 33.68
CA SER A 537 24.02 27.83 33.79
C SER A 537 23.10 26.62 33.83
N LEU A 538 23.39 25.61 33.02
CA LEU A 538 22.60 24.38 32.99
C LEU A 538 22.62 23.63 34.32
N LEU A 539 23.82 23.43 34.88
CA LEU A 539 24.00 22.71 36.14
C LEU A 539 23.37 23.47 37.31
N GLN A 540 23.44 24.80 37.25
CA GLN A 540 22.84 25.66 38.25
C GLN A 540 21.32 25.47 38.23
N ALA A 541 20.77 25.37 37.02
CA ALA A 541 19.33 25.16 36.82
C ALA A 541 18.87 23.77 37.28
N ILE A 542 19.70 22.75 37.04
CA ILE A 542 19.36 21.39 37.48
C ILE A 542 19.26 21.29 38.99
N HIS A 543 20.29 21.79 39.66
CA HIS A 543 20.44 21.65 41.11
C HIS A 543 19.64 22.71 41.87
N PHE A 544 19.19 23.74 41.14
CA PHE A 544 18.40 24.84 41.71
C PHE A 544 17.30 24.30 42.60
N PRO A 545 17.12 24.87 43.81
CA PRO A 545 17.79 26.06 44.34
C PRO A 545 19.16 25.82 45.01
N GLN A 546 19.75 24.64 44.85
CA GLN A 546 21.00 24.34 45.56
C GLN A 546 22.14 25.28 45.14
N PRO A 547 23.17 25.41 46.00
CA PRO A 547 24.35 26.24 45.70
C PRO A 547 25.29 25.67 44.63
N LEU A 548 26.10 26.54 44.07
CA LEU A 548 27.22 26.17 43.21
C LEU A 548 28.30 25.55 44.07
N SER A 549 29.01 24.55 43.54
CA SER A 549 30.20 24.07 44.22
C SER A 549 31.18 23.33 43.31
N ASP A 550 32.38 23.10 43.82
CA ASP A 550 33.43 22.38 43.12
C ASP A 550 33.06 20.91 42.93
N ASP A 551 32.30 20.36 43.88
CA ASP A 551 31.81 18.99 43.82
C ASP A 551 30.82 18.76 42.67
N VAL A 552 29.97 19.75 42.41
CA VAL A 552 29.03 19.66 41.31
C VAL A 552 29.73 19.77 39.95
N ARG A 553 30.66 20.71 39.82
CA ARG A 553 31.38 20.87 38.56
C ARG A 553 32.16 19.60 38.17
N ALA A 554 32.67 18.88 39.17
CA ALA A 554 33.45 17.67 38.94
C ALA A 554 32.65 16.37 39.03
N ALA A 555 31.35 16.47 39.34
CA ALA A 555 30.55 15.27 39.50
C ALA A 555 30.37 14.47 38.22
N PRO A 556 30.18 13.14 38.33
CA PRO A 556 29.90 12.35 37.12
C PRO A 556 28.57 12.75 36.50
N ILE A 557 28.42 12.55 35.19
CA ILE A 557 27.18 12.87 34.49
C ILE A 557 25.96 12.14 35.09
N SER A 558 26.20 10.92 35.59
CA SER A 558 25.18 10.10 36.22
C SER A 558 24.47 10.73 37.43
N CYS A 559 25.18 11.57 38.16
CA CYS A 559 24.61 12.28 39.31
C CYS A 559 23.57 13.29 38.84
N HIS A 560 23.94 14.06 37.83
CA HIS A 560 23.08 15.09 37.25
C HIS A 560 21.81 14.52 36.66
N VAL A 561 21.90 13.37 35.99
CA VAL A 561 20.72 12.75 35.41
C VAL A 561 19.68 12.34 36.45
N GLN A 562 20.12 11.71 37.54
CA GLN A 562 19.18 11.25 38.57
C GLN A 562 18.39 12.41 39.18
N VAL A 563 19.10 13.51 39.45
CA VAL A 563 18.50 14.72 40.03
C VAL A 563 17.63 15.49 39.04
N ALA A 564 18.06 15.54 37.79
CA ALA A 564 17.39 16.31 36.74
C ALA A 564 16.16 15.61 36.15
N HIS A 565 16.17 14.28 36.15
CA HIS A 565 15.21 13.48 35.38
C HIS A 565 13.74 13.85 35.67
N GLU A 566 13.48 14.27 36.91
CA GLU A 566 12.13 14.65 37.33
C GLU A 566 11.89 16.17 37.41
N LYS A 567 12.92 16.96 37.14
CA LYS A 567 12.76 18.42 37.18
C LYS A 567 12.06 18.94 35.94
N GLU A 568 11.50 20.15 36.03
CA GLU A 568 10.69 20.72 34.97
C GLU A 568 11.20 22.09 34.54
N LYS A 569 10.88 22.46 33.28
CA LYS A 569 11.24 23.76 32.73
C LYS A 569 12.69 24.12 32.98
N VAL A 570 13.53 23.09 33.09
CA VAL A 570 14.96 23.28 33.31
C VAL A 570 15.62 24.12 32.22
N ILE A 571 15.29 23.81 30.96
CA ILE A 571 15.88 24.52 29.82
C ILE A 571 15.47 26.00 29.72
N PRO A 572 14.16 26.29 29.79
CA PRO A 572 13.73 27.70 29.69
C PRO A 572 14.22 28.62 30.81
N THR A 573 14.40 28.07 32.01
CA THR A 573 14.97 28.84 33.13
C THR A 573 16.42 29.22 32.87
N ALA A 574 17.22 28.24 32.48
CA ALA A 574 18.63 28.45 32.18
C ALA A 574 18.83 29.41 31.01
N LEU A 575 17.97 29.30 30.00
CA LEU A 575 18.05 30.15 28.81
C LEU A 575 17.69 31.61 29.07
N LEU A 576 16.60 31.83 29.81
CA LEU A 576 16.19 33.18 30.16
C LEU A 576 17.23 33.89 31.02
N SER A 577 17.87 33.13 31.90
CA SER A 577 18.94 33.66 32.74
C SER A 577 20.07 34.19 31.88
N LEU A 578 20.41 33.45 30.83
CA LEU A 578 21.48 33.83 29.91
C LEU A 578 21.16 35.04 29.03
N LEU A 579 19.99 35.06 28.40
CA LEU A 579 19.65 36.15 27.49
C LEU A 579 19.51 37.54 28.11
N LEU A 580 18.83 37.66 29.25
CA LEU A 580 18.63 38.96 29.88
C LEU A 580 19.66 39.33 30.97
N ARG A 581 20.76 38.59 31.08
CA ARG A 581 21.73 38.80 32.16
C ARG A 581 21.06 38.64 33.53
N CYS A 582 19.99 37.86 33.60
CA CYS A 582 19.12 37.81 34.77
C CYS A 582 19.37 36.58 35.66
N SER A 583 18.36 36.22 36.44
CA SER A 583 18.44 35.14 37.42
C SER A 583 17.37 34.11 37.10
N ILE A 584 17.41 33.01 37.82
CA ILE A 584 16.44 31.93 37.64
C ILE A 584 15.08 32.27 38.23
N SER A 585 15.06 33.08 39.28
CA SER A 585 13.84 33.45 39.97
C SER A 585 13.01 34.48 39.20
N GLU A 586 13.70 35.40 38.53
CA GLU A 586 13.06 36.43 37.71
C GLU A 586 12.42 35.78 36.48
N ALA A 587 13.13 34.81 35.92
CA ALA A 587 12.66 34.03 34.78
C ALA A 587 11.42 33.22 35.13
N LYS A 588 11.41 32.60 36.31
CA LYS A 588 10.25 31.82 36.76
C LYS A 588 8.98 32.65 36.91
N ALA A 589 9.09 33.89 37.38
CA ALA A 589 7.91 34.73 37.52
C ALA A 589 7.33 35.09 36.15
N ARG A 590 8.21 35.47 35.23
CA ARG A 590 7.86 35.79 33.85
C ARG A 590 7.15 34.68 33.06
N LEU A 591 7.66 33.46 33.17
CA LEU A 591 7.08 32.30 32.48
C LEU A 591 5.68 31.98 32.98
N SER A 592 5.46 32.03 34.29
CA SER A 592 4.14 31.74 34.84
C SER A 592 3.13 32.75 34.30
N ALA A 593 3.58 33.98 34.06
CA ALA A 593 2.69 35.03 33.55
C ALA A 593 2.46 34.86 32.04
N ALA A 594 3.24 33.96 31.43
CA ALA A 594 3.19 33.71 29.98
C ALA A 594 2.40 32.45 29.64
N SER A 595 1.85 32.39 28.42
CA SER A 595 1.10 31.21 28.02
C SER A 595 2.00 29.99 27.82
N SER A 596 3.28 30.21 27.52
CA SER A 596 4.20 29.08 27.34
C SER A 596 5.65 29.53 27.55
N VAL A 597 6.54 28.55 27.71
CA VAL A 597 7.98 28.80 27.81
C VAL A 597 8.55 29.37 26.51
N CYS A 598 8.03 28.85 25.40
CA CYS A 598 8.35 29.23 24.04
C CYS A 598 8.15 30.71 23.68
N GLU A 599 6.98 31.25 23.98
CA GLU A 599 6.67 32.65 23.66
C GLU A 599 7.56 33.59 24.44
N VAL A 600 7.82 33.25 25.70
CA VAL A 600 8.70 34.06 26.56
C VAL A 600 10.10 34.17 25.96
N VAL A 601 10.64 33.05 25.49
CA VAL A 601 11.98 33.02 24.91
C VAL A 601 12.03 33.72 23.54
N ARG A 602 11.01 33.49 22.71
CA ARG A 602 10.93 34.13 21.40
C ARG A 602 10.90 35.65 21.57
N SER A 603 10.17 36.10 22.59
CA SER A 603 10.06 37.52 22.90
C SER A 603 11.42 38.07 23.32
N ALA A 604 12.17 37.30 24.12
CA ALA A 604 13.50 37.70 24.59
C ALA A 604 14.51 37.70 23.46
N LEU A 605 14.35 36.78 22.50
CA LEU A 605 15.25 36.71 21.36
C LEU A 605 14.95 37.83 20.37
N LYS B 19 -46.76 9.87 -44.78
CA LYS B 19 -46.21 11.00 -45.52
C LYS B 19 -45.25 11.82 -44.65
N LYS B 20 -45.48 11.82 -43.35
CA LYS B 20 -44.70 12.62 -42.42
C LYS B 20 -43.20 12.30 -42.37
N GLU B 21 -42.86 11.02 -42.38
CA GLU B 21 -41.47 10.60 -42.22
C GLU B 21 -40.81 11.02 -40.87
N LYS B 22 -41.71 11.32 -39.94
CA LYS B 22 -41.34 11.79 -38.61
C LYS B 22 -40.56 10.77 -37.79
N VAL B 23 -40.78 9.49 -38.07
CA VAL B 23 -40.04 8.42 -37.41
C VAL B 23 -38.54 8.60 -37.64
N GLU B 24 -38.18 8.93 -38.88
CA GLU B 24 -36.79 9.12 -39.25
C GLU B 24 -36.18 10.25 -38.44
N GLN B 25 -37.02 11.21 -38.06
CA GLN B 25 -36.57 12.32 -37.23
C GLN B 25 -36.33 11.84 -35.81
N ILE B 26 -37.16 10.90 -35.36
CA ILE B 26 -37.03 10.35 -34.01
C ILE B 26 -35.86 9.38 -33.95
N LEU B 27 -35.78 8.48 -34.94
CA LEU B 27 -34.70 7.50 -34.98
C LEU B 27 -33.37 8.15 -35.33
N ALA B 28 -33.39 9.44 -35.63
CA ALA B 28 -32.17 10.20 -35.83
C ALA B 28 -31.51 10.47 -34.48
N GLU B 29 -32.27 10.31 -33.40
CA GLU B 29 -31.75 10.51 -32.05
C GLU B 29 -30.63 9.51 -31.77
N PHE B 30 -30.70 8.36 -32.42
CA PHE B 30 -29.75 7.27 -32.20
C PHE B 30 -28.60 7.32 -33.21
N GLN B 31 -28.58 8.35 -34.05
CA GLN B 31 -27.54 8.42 -35.07
C GLN B 31 -26.27 9.03 -34.47
N LEU B 32 -25.16 8.31 -34.64
CA LEU B 32 -23.85 8.74 -34.16
C LEU B 32 -22.87 8.86 -35.33
N GLN B 33 -22.29 10.05 -35.49
CA GLN B 33 -21.32 10.29 -36.56
C GLN B 33 -19.91 10.03 -36.05
N GLU B 34 -18.96 9.89 -36.98
CA GLU B 34 -17.60 9.52 -36.61
C GLU B 34 -16.96 10.54 -35.67
N GLU B 35 -17.33 11.82 -35.85
CA GLU B 35 -16.81 12.90 -35.00
C GLU B 35 -17.28 12.69 -33.56
N ASP B 36 -18.42 12.03 -33.42
CA ASP B 36 -19.01 11.74 -32.11
C ASP B 36 -18.37 10.49 -31.51
N LEU B 37 -18.04 9.53 -32.36
CA LEU B 37 -17.49 8.26 -31.91
C LEU B 37 -16.02 8.41 -31.50
N LYS B 38 -15.27 9.20 -32.25
CA LYS B 38 -13.90 9.50 -31.88
C LYS B 38 -13.90 10.22 -30.54
N LYS B 39 -14.86 11.12 -30.37
CA LYS B 39 -15.03 11.87 -29.13
C LYS B 39 -15.14 10.93 -27.94
N VAL B 40 -15.89 9.85 -28.12
CA VAL B 40 -16.05 8.83 -27.08
C VAL B 40 -14.76 8.08 -26.87
N MET B 41 -14.10 7.76 -27.97
CA MET B 41 -12.85 7.01 -27.91
C MET B 41 -11.79 7.76 -27.10
N ARG B 42 -11.76 9.08 -27.23
CA ARG B 42 -10.81 9.90 -26.51
C ARG B 42 -11.23 10.00 -25.05
N ARG B 43 -12.49 10.34 -24.81
CA ARG B 43 -13.03 10.38 -23.46
C ARG B 43 -12.82 9.04 -22.79
N MET B 44 -12.77 7.99 -23.60
CA MET B 44 -12.58 6.63 -23.10
C MET B 44 -11.14 6.38 -22.70
N GLN B 45 -10.21 6.76 -23.56
CA GLN B 45 -8.78 6.60 -23.29
C GLN B 45 -8.37 7.39 -22.04
N LYS B 46 -8.93 8.58 -21.91
CA LYS B 46 -8.64 9.43 -20.78
C LYS B 46 -8.96 8.75 -19.46
N GLU B 47 -10.18 8.24 -19.35
CA GLU B 47 -10.69 7.70 -18.10
C GLU B 47 -10.13 6.32 -17.76
N MET B 48 -9.40 5.71 -18.70
CA MET B 48 -8.73 4.44 -18.44
C MET B 48 -7.24 4.67 -18.27
N ASP B 49 -6.80 5.89 -18.56
CA ASP B 49 -5.46 6.32 -18.19
C ASP B 49 -5.51 6.69 -16.71
N ARG B 50 -6.55 7.39 -16.32
CA ARG B 50 -6.77 7.78 -14.94
C ARG B 50 -6.87 6.56 -14.03
N GLY B 51 -7.43 5.48 -14.54
CA GLY B 51 -7.62 4.28 -13.76
C GLY B 51 -6.34 3.47 -13.62
N LEU B 52 -5.31 3.86 -14.36
CA LEU B 52 -4.01 3.20 -14.31
C LEU B 52 -3.03 3.97 -13.44
N ARG B 53 -3.25 5.28 -13.37
CA ARG B 53 -2.41 6.18 -12.59
C ARG B 53 -2.80 6.13 -11.13
N LEU B 54 -1.81 5.79 -10.30
CA LEU B 54 -2.00 5.55 -8.88
C LEU B 54 -2.78 6.67 -8.19
N GLU B 55 -2.63 7.89 -8.70
CA GLU B 55 -3.18 9.08 -8.05
C GLU B 55 -4.68 9.22 -8.29
N THR B 56 -5.11 8.92 -9.52
CA THR B 56 -6.48 9.15 -9.96
C THR B 56 -7.27 7.86 -10.06
N HIS B 57 -6.79 6.80 -9.40
CA HIS B 57 -7.43 5.50 -9.49
C HIS B 57 -8.76 5.51 -8.78
N GLU B 58 -8.77 5.99 -7.54
CA GLU B 58 -9.98 5.97 -6.72
C GLU B 58 -11.03 6.95 -7.28
N GLU B 59 -10.58 7.93 -8.07
CA GLU B 59 -11.46 8.95 -8.66
C GLU B 59 -12.06 8.48 -9.98
N ALA B 60 -11.43 7.50 -10.59
CA ALA B 60 -11.77 7.09 -11.96
C ALA B 60 -13.00 6.20 -12.00
N SER B 61 -13.81 6.40 -13.03
CA SER B 61 -14.96 5.55 -13.27
C SER B 61 -14.47 4.17 -13.69
N VAL B 62 -13.60 4.16 -14.70
CA VAL B 62 -13.02 2.93 -15.22
C VAL B 62 -11.84 2.56 -14.34
N LYS B 63 -11.97 1.49 -13.57
CA LYS B 63 -10.98 1.19 -12.53
C LYS B 63 -9.74 0.54 -13.07
N MET B 64 -9.88 -0.24 -14.14
CA MET B 64 -8.71 -0.82 -14.77
C MET B 64 -7.93 -1.73 -13.80
N LEU B 65 -8.65 -2.50 -12.99
CA LEU B 65 -8.04 -3.44 -12.07
C LEU B 65 -7.15 -4.40 -12.85
N PRO B 66 -5.97 -4.74 -12.32
CA PRO B 66 -5.14 -5.80 -12.90
C PRO B 66 -5.48 -7.19 -12.41
N THR B 67 -4.81 -8.18 -13.01
CA THR B 67 -5.02 -9.60 -12.77
C THR B 67 -3.71 -10.30 -12.45
N TYR B 68 -3.77 -11.59 -12.18
CA TYR B 68 -2.56 -12.41 -12.02
C TYR B 68 -2.02 -12.86 -13.37
N VAL B 69 -2.69 -12.46 -14.44
CA VAL B 69 -2.28 -12.85 -15.79
C VAL B 69 -1.16 -11.91 -16.25
N ARG B 70 0.02 -12.48 -16.51
CA ARG B 70 1.19 -11.66 -16.78
C ARG B 70 2.24 -12.41 -17.55
N SER B 71 2.99 -11.65 -18.35
CA SER B 71 4.14 -12.18 -19.05
C SER B 71 5.36 -11.49 -18.48
N THR B 72 6.19 -12.23 -17.74
CA THR B 72 7.33 -11.65 -17.06
C THR B 72 8.57 -12.54 -17.08
N PRO B 73 9.75 -11.95 -16.82
CA PRO B 73 11.00 -12.71 -16.82
C PRO B 73 11.06 -13.78 -15.73
N GLU B 74 10.31 -13.59 -14.65
CA GLU B 74 10.42 -14.49 -13.50
C GLU B 74 9.82 -15.86 -13.80
N GLY B 75 9.44 -16.10 -15.04
CA GLY B 75 8.96 -17.40 -15.47
C GLY B 75 7.45 -17.46 -15.50
N SER B 76 6.82 -16.38 -15.95
CA SER B 76 5.35 -16.35 -16.08
C SER B 76 4.97 -15.92 -17.48
N GLU B 77 4.04 -16.68 -18.06
CA GLU B 77 3.52 -16.40 -19.39
C GLU B 77 1.98 -16.41 -19.38
N VAL B 78 1.38 -15.66 -20.29
CA VAL B 78 -0.07 -15.69 -20.45
C VAL B 78 -0.49 -17.09 -20.89
N GLY B 79 -1.34 -17.73 -20.10
CA GLY B 79 -1.73 -19.10 -20.38
C GLY B 79 -1.46 -19.94 -19.14
N ASP B 80 -0.51 -19.49 -18.32
CA ASP B 80 -0.32 -20.07 -16.99
C ASP B 80 -1.66 -19.99 -16.24
N PHE B 81 -2.07 -21.08 -15.62
CA PHE B 81 -3.39 -21.11 -15.01
C PHE B 81 -3.56 -22.24 -14.01
N LEU B 82 -4.39 -21.99 -13.01
CA LEU B 82 -4.70 -22.95 -11.96
C LEU B 82 -6.22 -23.21 -11.93
N SER B 83 -6.61 -24.42 -12.33
CA SER B 83 -8.02 -24.74 -12.47
C SER B 83 -8.50 -25.68 -11.36
N LEU B 84 -9.44 -25.17 -10.56
CA LEU B 84 -10.13 -25.96 -9.56
C LEU B 84 -11.47 -26.43 -10.10
N ASP B 85 -11.78 -27.70 -9.88
CA ASP B 85 -13.07 -28.26 -10.29
C ASP B 85 -13.61 -29.16 -9.18
N LEU B 86 -14.89 -28.99 -8.89
CA LEU B 86 -15.52 -29.66 -7.76
C LEU B 86 -16.92 -30.19 -8.10
N GLY B 87 -17.21 -31.40 -7.64
CA GLY B 87 -18.49 -32.04 -7.90
C GLY B 87 -18.50 -33.44 -7.32
N GLY B 88 -19.49 -33.73 -6.49
CA GLY B 88 -19.55 -35.01 -5.81
C GLY B 88 -18.54 -35.00 -4.69
N THR B 89 -18.03 -36.18 -4.33
CA THR B 89 -17.01 -36.28 -3.29
C THR B 89 -15.63 -35.88 -3.84
N ASN B 90 -15.50 -35.85 -5.16
CA ASN B 90 -14.21 -35.64 -5.82
C ASN B 90 -13.89 -34.19 -6.12
N PHE B 91 -12.62 -33.85 -5.97
CA PHE B 91 -12.15 -32.49 -6.21
C PHE B 91 -10.85 -32.55 -7.02
N ARG B 92 -10.86 -31.91 -8.18
CA ARG B 92 -9.71 -31.93 -9.08
C ARG B 92 -8.98 -30.62 -9.07
N VAL B 93 -7.68 -30.70 -9.32
CA VAL B 93 -6.84 -29.52 -9.48
C VAL B 93 -6.01 -29.70 -10.75
N MET B 94 -5.98 -28.67 -11.58
CA MET B 94 -5.14 -28.69 -12.78
C MET B 94 -4.20 -27.51 -12.79
N LEU B 95 -3.00 -27.74 -13.31
CA LEU B 95 -2.02 -26.69 -13.48
C LEU B 95 -1.66 -26.59 -14.94
N VAL B 96 -1.96 -25.44 -15.54
CA VAL B 96 -1.56 -25.15 -16.92
C VAL B 96 -0.36 -24.25 -16.93
N LYS B 97 0.64 -24.60 -17.74
CA LYS B 97 1.85 -23.81 -17.82
C LYS B 97 2.31 -23.71 -19.28
N VAL B 98 2.62 -22.48 -19.69
CA VAL B 98 3.12 -22.20 -21.02
C VAL B 98 4.62 -21.96 -20.94
N GLY B 99 5.34 -22.44 -21.94
CA GLY B 99 6.78 -22.27 -21.99
C GLY B 99 7.28 -22.34 -23.41
N GLU B 100 8.56 -22.72 -23.55
CA GLU B 100 9.22 -22.93 -24.84
C GLU B 100 9.72 -24.36 -24.91
N GLY B 101 9.42 -25.04 -26.02
CA GLY B 101 9.70 -26.45 -26.15
C GLY B 101 11.15 -26.77 -26.50
N GLU B 102 11.43 -28.06 -26.69
CA GLU B 102 12.76 -28.54 -27.04
C GLU B 102 13.23 -27.94 -28.35
N GLU B 103 12.29 -27.78 -29.28
CA GLU B 103 12.55 -27.17 -30.59
C GLU B 103 12.32 -25.66 -30.52
N GLY B 104 12.38 -25.09 -29.31
CA GLY B 104 12.16 -23.68 -29.10
C GLY B 104 10.74 -23.28 -29.46
N GLN B 105 9.87 -24.28 -29.56
CA GLN B 105 8.48 -24.06 -29.97
C GLN B 105 7.61 -23.61 -28.82
N TRP B 106 6.56 -22.85 -29.13
CA TRP B 106 5.58 -22.48 -28.14
C TRP B 106 4.85 -23.75 -27.69
N SER B 107 4.90 -24.04 -26.39
CA SER B 107 4.38 -25.30 -25.88
C SER B 107 3.48 -25.11 -24.67
N VAL B 108 2.85 -26.20 -24.29
CA VAL B 108 1.93 -26.23 -23.15
C VAL B 108 2.03 -27.59 -22.47
N LYS B 109 2.04 -27.57 -21.13
CA LYS B 109 2.11 -28.80 -20.37
C LYS B 109 1.16 -28.72 -19.18
N THR B 110 0.42 -29.80 -18.96
CA THR B 110 -0.62 -29.85 -17.93
C THR B 110 -0.26 -30.85 -16.83
N LYS B 111 -0.78 -30.60 -15.63
CA LYS B 111 -0.63 -31.52 -14.51
C LYS B 111 -1.96 -31.64 -13.78
N HIS B 112 -2.32 -32.86 -13.40
CA HIS B 112 -3.62 -33.13 -12.80
C HIS B 112 -3.45 -33.85 -11.48
N GLN B 113 -4.41 -33.65 -10.59
CA GLN B 113 -4.48 -34.43 -9.36
C GLN B 113 -5.89 -34.40 -8.80
N MET B 114 -6.35 -35.56 -8.33
CA MET B 114 -7.73 -35.73 -7.89
C MET B 114 -7.79 -36.13 -6.41
N TYR B 115 -8.49 -35.34 -5.62
CA TYR B 115 -8.58 -35.59 -4.19
C TYR B 115 -9.97 -36.08 -3.79
N SER B 116 -10.01 -36.91 -2.76
CA SER B 116 -11.28 -37.43 -2.25
C SER B 116 -11.69 -36.66 -1.01
N ILE B 117 -12.91 -36.16 -0.99
CA ILE B 117 -13.40 -35.38 0.14
C ILE B 117 -13.95 -36.29 1.25
N PRO B 118 -13.37 -36.21 2.48
CA PRO B 118 -13.90 -36.97 3.61
C PRO B 118 -15.38 -36.72 3.87
N GLU B 119 -16.05 -37.68 4.50
CA GLU B 119 -17.48 -37.58 4.71
C GLU B 119 -17.83 -36.36 5.55
N ASP B 120 -17.06 -36.17 6.62
CA ASP B 120 -17.35 -35.14 7.61
C ASP B 120 -17.28 -33.73 7.00
N ALA B 121 -16.38 -33.56 6.03
CA ALA B 121 -16.17 -32.27 5.41
C ALA B 121 -17.28 -31.92 4.45
N MET B 122 -17.70 -32.91 3.67
CA MET B 122 -18.75 -32.68 2.68
C MET B 122 -20.09 -32.48 3.40
N THR B 123 -20.37 -33.33 4.37
CA THR B 123 -21.61 -33.26 5.14
C THR B 123 -21.63 -32.00 6.01
N GLY B 124 -20.46 -31.48 6.34
CA GLY B 124 -20.33 -30.36 7.24
C GLY B 124 -20.64 -29.02 6.59
N THR B 125 -20.03 -27.96 7.12
CA THR B 125 -20.34 -26.59 6.72
C THR B 125 -19.74 -26.25 5.36
N ALA B 126 -19.75 -24.96 5.05
CA ALA B 126 -19.07 -24.43 3.87
C ALA B 126 -17.61 -24.12 4.22
N GLU B 127 -17.38 -23.73 5.47
CA GLU B 127 -16.04 -23.37 5.92
C GLU B 127 -15.22 -24.64 6.18
N MET B 128 -15.88 -25.68 6.65
CA MET B 128 -15.22 -26.95 6.91
C MET B 128 -14.70 -27.55 5.62
N LEU B 129 -15.34 -27.15 4.53
CA LEU B 129 -15.06 -27.67 3.21
C LEU B 129 -13.90 -26.98 2.51
N PHE B 130 -14.00 -25.66 2.40
CA PHE B 130 -12.97 -24.88 1.72
C PHE B 130 -11.64 -24.87 2.47
N ASP B 131 -11.61 -25.49 3.64
CA ASP B 131 -10.35 -25.66 4.35
C ASP B 131 -9.66 -26.92 3.86
N TYR B 132 -10.45 -27.97 3.65
CA TYR B 132 -9.95 -29.19 3.07
C TYR B 132 -9.45 -28.91 1.66
N ILE B 133 -10.15 -28.02 0.98
CA ILE B 133 -9.75 -27.57 -0.35
C ILE B 133 -8.42 -26.84 -0.35
N SER B 134 -8.27 -25.88 0.55
CA SER B 134 -7.06 -25.08 0.65
C SER B 134 -5.91 -25.93 1.16
N GLU B 135 -6.22 -27.12 1.65
CA GLU B 135 -5.21 -28.08 2.09
C GLU B 135 -4.71 -28.87 0.89
N CYS B 136 -5.65 -29.21 0.01
CA CYS B 136 -5.36 -30.02 -1.17
C CYS B 136 -4.75 -29.15 -2.25
N ILE B 137 -4.73 -27.84 -2.04
CA ILE B 137 -4.11 -26.94 -2.99
C ILE B 137 -2.68 -26.69 -2.60
N SER B 138 -2.44 -26.56 -1.31
CA SER B 138 -1.10 -26.42 -0.82
C SER B 138 -0.29 -27.65 -1.27
N ASP B 139 -0.89 -28.83 -1.05
CA ASP B 139 -0.30 -30.10 -1.47
C ASP B 139 0.18 -30.00 -2.91
N PHE B 140 -0.78 -29.81 -3.80
CA PHE B 140 -0.54 -29.82 -5.24
C PHE B 140 0.54 -28.83 -5.64
N LEU B 141 0.55 -27.67 -4.99
CA LEU B 141 1.47 -26.59 -5.37
C LEU B 141 2.84 -26.77 -4.73
N ASP B 142 2.87 -27.36 -3.55
CA ASP B 142 4.13 -27.64 -2.89
C ASP B 142 4.87 -28.78 -3.62
N LYS B 143 4.12 -29.59 -4.37
CA LYS B 143 4.67 -30.73 -5.10
C LYS B 143 5.28 -30.29 -6.42
N HIS B 144 4.63 -29.33 -7.08
CA HIS B 144 5.11 -28.81 -8.35
C HIS B 144 5.86 -27.50 -8.14
N GLN B 145 6.14 -27.17 -6.88
CA GLN B 145 7.06 -26.09 -6.56
C GLN B 145 6.52 -24.74 -7.03
N MET B 146 5.19 -24.63 -7.07
CA MET B 146 4.50 -23.42 -7.55
C MET B 146 3.68 -22.77 -6.43
N LYS B 147 4.15 -22.88 -5.18
CA LYS B 147 3.30 -22.56 -4.03
C LYS B 147 3.18 -21.08 -3.73
N HIS B 148 4.04 -20.27 -4.36
CA HIS B 148 4.05 -18.83 -4.12
C HIS B 148 4.17 -18.05 -5.42
N LYS B 149 4.22 -18.78 -6.54
CA LYS B 149 4.23 -18.14 -7.84
C LYS B 149 2.80 -17.87 -8.23
N LYS B 150 2.32 -16.67 -7.96
CA LYS B 150 0.89 -16.35 -8.05
C LYS B 150 0.28 -16.64 -9.40
N LEU B 151 -0.54 -17.69 -9.45
CA LEU B 151 -1.16 -18.12 -10.70
C LEU B 151 -2.62 -17.66 -10.81
N PRO B 152 -3.04 -17.21 -12.01
CA PRO B 152 -4.47 -16.95 -12.21
C PRO B 152 -5.32 -18.14 -11.77
N LEU B 153 -6.50 -17.84 -11.24
CA LEU B 153 -7.35 -18.87 -10.64
C LEU B 153 -8.72 -18.86 -11.26
N GLY B 154 -9.30 -20.04 -11.37
CA GLY B 154 -10.66 -20.20 -11.80
C GLY B 154 -11.26 -21.35 -11.05
N PHE B 155 -12.53 -21.22 -10.68
CA PHE B 155 -13.20 -22.25 -9.92
C PHE B 155 -14.43 -22.76 -10.65
N THR B 156 -14.32 -24.00 -11.14
CA THR B 156 -15.40 -24.66 -11.84
C THR B 156 -16.19 -25.52 -10.84
N PHE B 157 -17.39 -25.92 -11.26
CA PHE B 157 -18.29 -26.69 -10.40
C PHE B 157 -19.01 -27.79 -11.18
N SER B 158 -19.50 -28.80 -10.47
CA SER B 158 -20.25 -29.90 -11.08
C SER B 158 -21.13 -30.60 -10.04
N ASN B 187 -20.19 -15.43 -3.20
CA ASN B 187 -19.22 -15.33 -2.11
C ASN B 187 -18.17 -16.43 -2.19
N VAL B 188 -18.39 -17.39 -3.08
CA VAL B 188 -17.48 -18.52 -3.25
C VAL B 188 -16.05 -18.04 -3.50
N VAL B 189 -15.92 -16.93 -4.20
CA VAL B 189 -14.62 -16.34 -4.48
C VAL B 189 -13.88 -15.96 -3.20
N GLY B 190 -14.65 -15.75 -2.13
CA GLY B 190 -14.11 -15.28 -0.86
C GLY B 190 -13.90 -16.42 0.10
N LEU B 191 -14.83 -17.37 0.13
CA LEU B 191 -14.74 -18.54 1.01
C LEU B 191 -13.38 -19.19 0.85
N LEU B 192 -12.92 -19.19 -0.39
CA LEU B 192 -11.65 -19.79 -0.76
C LEU B 192 -10.48 -18.94 -0.25
N ARG B 193 -10.62 -17.62 -0.35
CA ARG B 193 -9.58 -16.72 0.11
C ARG B 193 -9.47 -16.79 1.63
N ASP B 194 -10.61 -16.85 2.29
CA ASP B 194 -10.67 -16.91 3.75
C ASP B 194 -9.90 -18.12 4.25
N ALA B 195 -10.32 -19.29 3.76
CA ALA B 195 -9.74 -20.57 4.16
C ALA B 195 -8.23 -20.56 4.03
N ILE B 196 -7.73 -19.77 3.09
CA ILE B 196 -6.30 -19.67 2.84
C ILE B 196 -5.66 -18.73 3.84
N LYS B 197 -6.36 -17.66 4.20
CA LYS B 197 -5.83 -16.68 5.13
C LYS B 197 -5.77 -17.29 6.51
N ARG B 198 -6.77 -18.12 6.82
CA ARG B 198 -6.78 -18.84 8.09
C ARG B 198 -5.57 -19.76 8.13
N ARG B 199 -5.37 -20.48 7.03
CA ARG B 199 -4.16 -21.28 6.86
C ARG B 199 -2.99 -20.33 6.71
N GLY B 200 -1.77 -20.83 6.81
CA GLY B 200 -0.60 -19.96 6.84
C GLY B 200 0.41 -20.29 5.78
N ASP B 201 0.03 -21.17 4.85
CA ASP B 201 0.95 -21.61 3.81
C ASP B 201 1.29 -20.47 2.85
N PHE B 202 0.29 -19.92 2.19
CA PHE B 202 0.48 -18.86 1.20
C PHE B 202 -0.71 -17.94 1.18
N GLU B 203 -0.69 -16.96 0.29
CA GLU B 203 -1.73 -15.93 0.26
C GLU B 203 -2.08 -15.49 -1.14
N MET B 204 -3.38 -15.42 -1.43
CA MET B 204 -3.89 -14.96 -2.71
C MET B 204 -4.67 -13.66 -2.57
N ASP B 205 -4.51 -12.78 -3.54
CA ASP B 205 -5.26 -11.52 -3.57
C ASP B 205 -6.60 -11.80 -4.24
N VAL B 206 -7.43 -10.77 -4.33
CA VAL B 206 -8.82 -10.95 -4.74
C VAL B 206 -8.95 -11.05 -6.27
N VAL B 207 -7.90 -10.64 -6.98
CA VAL B 207 -7.90 -10.60 -8.44
C VAL B 207 -7.40 -11.90 -9.07
N ALA B 208 -7.06 -12.87 -8.23
CA ALA B 208 -6.65 -14.18 -8.71
C ALA B 208 -7.76 -14.74 -9.59
N MET B 209 -8.98 -14.70 -9.05
CA MET B 209 -10.16 -15.11 -9.80
C MET B 209 -10.28 -14.26 -11.05
N VAL B 210 -10.49 -14.94 -12.18
CA VAL B 210 -10.56 -14.28 -13.47
C VAL B 210 -11.99 -14.15 -13.96
N ASN B 211 -12.27 -13.06 -14.66
CA ASN B 211 -13.58 -12.84 -15.23
C ASN B 211 -13.85 -13.87 -16.30
N ASP B 212 -14.93 -13.64 -17.04
CA ASP B 212 -15.23 -14.41 -18.23
C ASP B 212 -14.58 -13.73 -19.42
N THR B 213 -14.28 -12.45 -19.26
CA THR B 213 -13.70 -11.62 -20.32
C THR B 213 -12.26 -12.04 -20.59
N VAL B 214 -11.56 -12.43 -19.52
CA VAL B 214 -10.14 -12.75 -19.58
C VAL B 214 -9.99 -14.25 -19.87
N ALA B 215 -10.93 -15.04 -19.36
CA ALA B 215 -10.97 -16.47 -19.68
C ALA B 215 -11.16 -16.61 -21.17
N THR B 216 -11.94 -15.68 -21.73
CA THR B 216 -12.10 -15.57 -23.16
C THR B 216 -10.75 -15.36 -23.80
N MET B 217 -10.09 -14.27 -23.41
CA MET B 217 -8.83 -13.90 -24.02
C MET B 217 -7.86 -15.07 -24.05
N ILE B 218 -7.68 -15.72 -22.90
CA ILE B 218 -6.78 -16.87 -22.79
C ILE B 218 -7.22 -18.02 -23.69
N SER B 219 -8.50 -18.38 -23.61
CA SER B 219 -9.02 -19.50 -24.39
C SER B 219 -8.72 -19.28 -25.87
N CYS B 220 -8.58 -18.02 -26.27
CA CYS B 220 -8.32 -17.67 -27.66
C CYS B 220 -6.81 -17.62 -27.92
N TYR B 221 -6.07 -17.12 -26.95
CA TYR B 221 -4.62 -16.98 -27.05
C TYR B 221 -3.96 -18.31 -27.34
N TYR B 222 -4.51 -19.39 -26.78
CA TYR B 222 -3.99 -20.71 -27.04
C TYR B 222 -4.02 -21.03 -28.53
N GLU B 223 -5.07 -20.58 -29.22
CA GLU B 223 -5.19 -20.78 -30.65
C GLU B 223 -4.48 -19.68 -31.45
N ASP B 224 -4.67 -18.43 -31.03
CA ASP B 224 -4.13 -17.29 -31.76
C ASP B 224 -3.25 -16.43 -30.88
N HIS B 225 -1.96 -16.76 -30.80
CA HIS B 225 -1.05 -16.14 -29.84
C HIS B 225 -0.98 -14.63 -29.98
N GLN B 226 -1.45 -14.10 -31.10
CA GLN B 226 -1.45 -12.65 -31.32
C GLN B 226 -2.59 -11.99 -30.56
N CYS B 227 -3.47 -12.81 -29.98
CA CYS B 227 -4.61 -12.31 -29.23
C CYS B 227 -4.17 -11.69 -27.90
N GLU B 228 -4.38 -10.38 -27.77
CA GLU B 228 -3.99 -9.67 -26.57
C GLU B 228 -5.14 -8.78 -26.09
N VAL B 229 -6.33 -9.05 -26.60
CA VAL B 229 -7.54 -8.36 -26.13
C VAL B 229 -8.66 -9.37 -25.94
N GLY B 230 -9.44 -9.16 -24.88
CA GLY B 230 -10.57 -10.03 -24.60
C GLY B 230 -11.80 -9.19 -24.31
N MET B 231 -12.94 -9.59 -24.86
CA MET B 231 -14.15 -8.81 -24.72
C MET B 231 -15.41 -9.67 -24.66
N ILE B 232 -16.31 -9.28 -23.74
CA ILE B 232 -17.65 -9.85 -23.64
C ILE B 232 -18.68 -8.80 -23.98
N VAL B 233 -19.68 -9.20 -24.75
CA VAL B 233 -20.84 -8.35 -24.99
C VAL B 233 -22.06 -9.24 -25.04
N GLY B 234 -22.71 -9.39 -23.89
CA GLY B 234 -23.94 -10.15 -23.80
C GLY B 234 -24.93 -9.40 -22.93
N THR B 235 -25.42 -10.09 -21.91
CA THR B 235 -26.27 -9.49 -20.92
C THR B 235 -25.55 -8.28 -20.34
N GLY B 236 -24.22 -8.39 -20.22
CA GLY B 236 -23.39 -7.33 -19.71
C GLY B 236 -22.30 -7.02 -20.72
N CYS B 237 -21.37 -6.17 -20.32
CA CYS B 237 -20.29 -5.80 -21.22
C CYS B 237 -19.05 -5.40 -20.44
N ASN B 238 -17.93 -6.04 -20.77
CA ASN B 238 -16.65 -5.73 -20.13
C ASN B 238 -15.50 -6.19 -21.02
N ALA B 239 -14.33 -5.59 -20.83
CA ALA B 239 -13.18 -5.90 -21.67
C ALA B 239 -11.89 -6.02 -20.87
N CYS B 240 -10.94 -6.78 -21.41
CA CYS B 240 -9.63 -6.89 -20.80
C CYS B 240 -8.59 -6.85 -21.91
N TYR B 241 -7.35 -6.53 -21.56
CA TYR B 241 -6.31 -6.50 -22.57
C TYR B 241 -4.92 -6.46 -21.93
N MET B 242 -3.91 -6.70 -22.76
CA MET B 242 -2.50 -6.71 -22.31
C MET B 242 -1.89 -5.31 -22.35
N GLU B 243 -1.48 -4.83 -21.18
CA GLU B 243 -0.88 -3.51 -21.07
C GLU B 243 0.54 -3.63 -20.54
N GLU B 244 1.39 -2.69 -20.97
CA GLU B 244 2.78 -2.65 -20.56
C GLU B 244 2.92 -2.39 -19.07
N MET B 245 3.59 -3.31 -18.38
CA MET B 245 3.70 -3.26 -16.92
C MET B 245 4.24 -1.93 -16.40
N GLN B 246 4.95 -1.21 -17.26
CA GLN B 246 5.53 0.06 -16.88
C GLN B 246 4.45 1.16 -16.86
N ASN B 247 3.36 0.92 -17.58
CA ASN B 247 2.24 1.87 -17.64
C ASN B 247 1.17 1.55 -16.62
N VAL B 248 1.31 0.41 -15.96
CA VAL B 248 0.46 0.05 -14.83
C VAL B 248 1.14 0.44 -13.53
N GLU B 249 0.60 1.46 -12.85
CA GLU B 249 1.22 1.96 -11.63
C GLU B 249 0.76 1.15 -10.40
N LEU B 250 -0.36 0.45 -10.54
CA LEU B 250 -0.97 -0.32 -9.45
C LEU B 250 -0.35 -1.69 -9.31
N VAL B 251 0.85 -1.85 -9.85
CA VAL B 251 1.59 -3.10 -9.76
C VAL B 251 3.05 -2.80 -9.47
N GLU B 252 3.67 -3.67 -8.70
CA GLU B 252 5.08 -3.55 -8.39
C GLU B 252 5.87 -4.28 -9.45
N GLY B 253 6.44 -3.52 -10.38
CA GLY B 253 7.22 -4.08 -11.47
C GLY B 253 6.96 -3.30 -12.74
N ASP B 254 7.99 -3.15 -13.57
CA ASP B 254 7.86 -2.45 -14.85
C ASP B 254 8.42 -3.33 -15.97
N GLU B 255 8.65 -4.61 -15.68
CA GLU B 255 9.19 -5.56 -16.65
C GLU B 255 8.09 -6.48 -17.17
N GLY B 256 7.70 -6.28 -18.43
CA GLY B 256 6.71 -7.14 -19.06
C GLY B 256 5.36 -6.49 -19.30
N ARG B 257 4.34 -7.33 -19.45
CA ARG B 257 3.00 -6.86 -19.74
C ARG B 257 1.94 -7.70 -19.03
N MET B 258 0.80 -7.08 -18.75
CA MET B 258 -0.21 -7.68 -17.90
C MET B 258 -1.59 -7.48 -18.41
N CYS B 259 -2.44 -8.46 -18.15
CA CYS B 259 -3.85 -8.38 -18.51
C CYS B 259 -4.56 -7.50 -17.49
N VAL B 260 -5.27 -6.50 -18.02
CA VAL B 260 -5.95 -5.52 -17.21
C VAL B 260 -7.42 -5.57 -17.48
N ASN B 261 -8.18 -5.94 -16.47
CA ASN B 261 -9.63 -5.87 -16.53
C ASN B 261 -10.08 -4.42 -16.51
N THR B 262 -10.70 -3.95 -17.59
CA THR B 262 -11.06 -2.54 -17.68
C THR B 262 -12.19 -2.17 -16.72
N GLU B 263 -13.20 -3.03 -16.62
CA GLU B 263 -14.40 -2.68 -15.90
C GLU B 263 -14.97 -1.41 -16.51
N TRP B 264 -15.04 -1.37 -17.84
CA TRP B 264 -15.45 -0.15 -18.52
C TRP B 264 -16.95 0.06 -18.50
N GLY B 265 -17.69 -0.86 -17.87
CA GLY B 265 -19.13 -0.73 -17.78
C GLY B 265 -19.48 0.56 -17.06
N ALA B 266 -18.67 0.92 -16.07
CA ALA B 266 -18.90 2.11 -15.26
C ALA B 266 -18.50 3.39 -15.96
N PHE B 267 -18.14 3.28 -17.24
CA PHE B 267 -17.82 4.45 -18.02
C PHE B 267 -19.05 5.34 -18.12
N GLY B 268 -18.89 6.62 -17.75
CA GLY B 268 -19.99 7.57 -17.81
C GLY B 268 -20.48 7.92 -16.43
N ASP B 269 -20.12 7.11 -15.43
CA ASP B 269 -20.53 7.35 -14.05
C ASP B 269 -20.10 8.73 -13.55
N SER B 270 -19.10 9.32 -14.22
CA SER B 270 -18.64 10.67 -13.87
C SER B 270 -19.17 11.70 -14.86
N GLY B 271 -20.22 11.33 -15.59
CA GLY B 271 -20.86 12.25 -16.52
C GLY B 271 -20.04 12.46 -17.79
N GLU B 272 -19.29 11.44 -18.17
CA GLU B 272 -18.48 11.49 -19.39
C GLU B 272 -19.37 11.34 -20.63
N LEU B 273 -20.64 11.01 -20.40
CA LEU B 273 -21.56 10.71 -21.49
C LEU B 273 -22.81 11.56 -21.47
N ASP B 274 -22.90 12.44 -20.47
CA ASP B 274 -24.08 13.28 -20.25
C ASP B 274 -24.71 13.86 -21.53
N GLU B 275 -23.89 14.07 -22.56
CA GLU B 275 -24.37 14.71 -23.78
C GLU B 275 -24.86 13.68 -24.80
N PHE B 276 -24.40 12.45 -24.69
CA PHE B 276 -24.79 11.39 -25.62
C PHE B 276 -26.07 10.69 -25.17
N LEU B 277 -26.40 10.83 -23.89
CA LEU B 277 -27.57 10.17 -23.33
C LEU B 277 -28.86 10.79 -23.82
N LEU B 278 -29.84 9.93 -24.10
CA LEU B 278 -31.15 10.36 -24.57
C LEU B 278 -32.15 10.29 -23.43
N GLU B 279 -33.39 10.66 -23.72
CA GLU B 279 -34.48 10.48 -22.78
C GLU B 279 -34.52 9.03 -22.34
N TYR B 280 -34.67 8.14 -23.32
CA TYR B 280 -34.86 6.71 -23.06
C TYR B 280 -33.73 6.15 -22.20
N ASP B 281 -32.53 6.69 -22.38
CA ASP B 281 -31.35 6.19 -21.68
C ASP B 281 -31.44 6.48 -20.19
N ARG B 282 -31.95 7.66 -19.84
CA ARG B 282 -32.00 8.09 -18.45
C ARG B 282 -33.12 7.39 -17.68
N LEU B 283 -34.19 7.04 -18.39
CA LEU B 283 -35.36 6.44 -17.74
C LEU B 283 -35.02 5.07 -17.17
N VAL B 284 -34.31 4.28 -17.97
CA VAL B 284 -33.92 2.94 -17.55
C VAL B 284 -33.09 3.00 -16.28
N ASP B 285 -32.22 4.00 -16.20
CA ASP B 285 -31.30 4.13 -15.07
C ASP B 285 -32.07 4.44 -13.79
N GLU B 286 -33.12 5.23 -13.91
CA GLU B 286 -33.90 5.64 -12.74
C GLU B 286 -34.74 4.48 -12.21
N SER B 287 -35.07 3.54 -13.10
CA SER B 287 -35.90 2.39 -12.74
C SER B 287 -35.04 1.17 -12.37
N SER B 288 -33.76 1.23 -12.70
CA SER B 288 -32.84 0.12 -12.47
C SER B 288 -32.47 -0.03 -11.00
N ALA B 289 -31.74 -1.09 -10.69
CA ALA B 289 -31.34 -1.38 -9.32
C ALA B 289 -30.09 -0.59 -8.92
N ASN B 290 -29.39 -0.04 -9.92
CA ASN B 290 -28.13 0.66 -9.71
C ASN B 290 -28.07 2.03 -10.40
N PRO B 291 -28.99 2.95 -10.04
CA PRO B 291 -29.02 4.29 -10.63
C PRO B 291 -27.68 5.04 -10.56
N GLY B 292 -27.29 5.66 -11.66
CA GLY B 292 -26.08 6.43 -11.73
C GLY B 292 -24.84 5.56 -11.89
N GLN B 293 -25.05 4.30 -12.31
CA GLN B 293 -23.95 3.34 -12.44
C GLN B 293 -24.05 2.51 -13.73
N GLN B 294 -22.89 2.07 -14.22
CA GLN B 294 -22.80 1.15 -15.37
C GLN B 294 -23.46 1.72 -16.63
N LEU B 295 -23.42 3.05 -16.77
CA LEU B 295 -24.14 3.74 -17.85
C LEU B 295 -23.75 3.24 -19.23
N TYR B 296 -22.46 3.06 -19.43
CA TYR B 296 -21.92 2.56 -20.70
C TYR B 296 -22.47 1.17 -20.97
N GLU B 297 -22.39 0.30 -19.97
CA GLU B 297 -22.88 -1.06 -20.11
C GLU B 297 -24.39 -1.10 -20.33
N LYS B 298 -25.07 -0.01 -19.97
CA LYS B 298 -26.51 0.06 -20.13
C LYS B 298 -26.90 0.45 -21.55
N LEU B 299 -26.02 1.17 -22.25
CA LEU B 299 -26.28 1.53 -23.64
C LEU B 299 -26.11 0.33 -24.55
N ILE B 300 -25.54 -0.74 -24.00
CA ILE B 300 -25.12 -1.88 -24.81
C ILE B 300 -25.54 -3.21 -24.17
N GLY B 301 -25.94 -3.16 -22.90
CA GLY B 301 -26.29 -4.37 -22.18
C GLY B 301 -27.42 -5.09 -22.86
N GLY B 302 -27.31 -6.41 -22.98
CA GLY B 302 -28.40 -7.22 -23.44
C GLY B 302 -29.48 -7.31 -22.37
N LYS B 303 -29.18 -6.80 -21.17
CA LYS B 303 -30.15 -6.79 -20.08
C LYS B 303 -31.22 -5.73 -20.31
N TYR B 304 -30.81 -4.58 -20.84
CA TYR B 304 -31.69 -3.42 -20.98
C TYR B 304 -31.82 -2.97 -22.42
N MET B 305 -31.40 -3.81 -23.34
CA MET B 305 -31.50 -3.49 -24.76
C MET B 305 -32.95 -3.58 -25.21
N GLY B 306 -33.65 -4.61 -24.72
CA GLY B 306 -35.04 -4.83 -25.09
C GLY B 306 -35.94 -3.73 -24.56
N GLU B 307 -35.77 -3.39 -23.29
CA GLU B 307 -36.52 -2.30 -22.68
C GLU B 307 -36.33 -1.01 -23.46
N LEU B 308 -35.12 -0.81 -23.97
CA LEU B 308 -34.80 0.41 -24.71
C LEU B 308 -35.62 0.53 -25.99
N VAL B 309 -36.09 -0.58 -26.52
CA VAL B 309 -36.95 -0.55 -27.68
C VAL B 309 -38.34 -0.17 -27.21
N ARG B 310 -38.78 -0.83 -26.14
CA ARG B 310 -40.13 -0.64 -25.62
C ARG B 310 -40.44 0.84 -25.43
N LEU B 311 -39.57 1.54 -24.72
CA LEU B 311 -39.75 2.97 -24.43
C LEU B 311 -39.73 3.82 -25.69
N VAL B 312 -39.14 3.30 -26.76
CA VAL B 312 -39.17 3.99 -28.05
C VAL B 312 -40.53 3.81 -28.67
N LEU B 313 -41.07 2.60 -28.54
CA LEU B 313 -42.39 2.31 -29.08
C LEU B 313 -43.44 3.16 -28.38
N LEU B 314 -43.33 3.29 -27.07
CA LEU B 314 -44.27 4.08 -26.28
C LEU B 314 -44.17 5.56 -26.61
N ARG B 315 -43.07 5.96 -27.27
CA ARG B 315 -42.91 7.33 -27.72
C ARG B 315 -43.61 7.50 -29.06
N LEU B 316 -43.72 6.40 -29.81
CA LEU B 316 -44.36 6.44 -31.12
C LEU B 316 -45.88 6.37 -31.02
N VAL B 317 -46.40 5.58 -30.08
CA VAL B 317 -47.85 5.48 -29.90
C VAL B 317 -48.41 6.81 -29.40
N ASP B 318 -47.62 7.54 -28.63
CA ASP B 318 -48.07 8.78 -28.00
C ASP B 318 -48.34 9.90 -28.99
N GLU B 319 -47.62 9.89 -30.11
CA GLU B 319 -47.72 10.97 -31.09
C GLU B 319 -47.98 10.43 -32.49
N ASN B 320 -47.50 9.23 -32.76
CA ASN B 320 -47.40 8.72 -34.13
C ASN B 320 -48.33 7.53 -34.37
N LEU B 321 -48.52 7.19 -35.65
CA LEU B 321 -49.29 6.02 -36.05
C LEU B 321 -48.45 4.76 -35.85
N LEU B 322 -48.40 4.29 -34.62
CA LEU B 322 -47.85 2.99 -34.31
C LEU B 322 -48.88 2.27 -33.45
N PHE B 323 -49.49 1.23 -34.01
CA PHE B 323 -50.62 0.59 -33.36
C PHE B 323 -51.70 1.63 -33.07
N HIS B 324 -51.82 2.61 -33.98
CA HIS B 324 -52.91 3.59 -33.96
C HIS B 324 -53.22 4.14 -32.56
N GLY B 325 -52.19 4.32 -31.73
CA GLY B 325 -52.36 4.90 -30.41
C GLY B 325 -52.68 3.88 -29.33
N GLU B 326 -52.83 2.62 -29.72
CA GLU B 326 -53.19 1.55 -28.79
C GLU B 326 -51.98 0.97 -28.08
N ALA B 327 -51.74 1.46 -26.86
CA ALA B 327 -50.71 0.89 -26.00
C ALA B 327 -51.23 -0.39 -25.39
N SER B 328 -50.74 -1.53 -25.87
CA SER B 328 -51.20 -2.84 -25.40
C SER B 328 -51.05 -3.00 -23.90
N GLU B 329 -51.69 -4.05 -23.37
CA GLU B 329 -51.71 -4.33 -21.95
C GLU B 329 -50.34 -4.84 -21.50
N GLN B 330 -49.65 -5.53 -22.41
CA GLN B 330 -48.32 -6.08 -22.14
C GLN B 330 -47.24 -5.05 -22.47
N LEU B 331 -47.47 -4.29 -23.54
CA LEU B 331 -46.49 -3.31 -24.00
C LEU B 331 -46.26 -2.19 -22.98
N ARG B 332 -47.23 -1.98 -22.10
CA ARG B 332 -47.11 -0.97 -21.06
C ARG B 332 -46.39 -1.54 -19.84
N THR B 333 -46.15 -2.86 -19.85
CA THR B 333 -45.50 -3.54 -18.74
C THR B 333 -43.98 -3.56 -18.92
N ARG B 334 -43.26 -3.38 -17.82
CA ARG B 334 -41.80 -3.42 -17.85
C ARG B 334 -41.30 -4.84 -18.08
N GLY B 335 -40.13 -4.94 -18.71
CA GLY B 335 -39.48 -6.23 -18.90
C GLY B 335 -40.28 -7.17 -19.77
N ALA B 336 -41.31 -6.63 -20.44
CA ALA B 336 -42.14 -7.41 -21.36
C ALA B 336 -41.37 -7.72 -22.62
N PHE B 337 -40.80 -6.68 -23.22
CA PHE B 337 -40.06 -6.81 -24.46
C PHE B 337 -38.65 -7.32 -24.20
N GLU B 338 -38.50 -8.64 -24.15
CA GLU B 338 -37.19 -9.26 -23.91
C GLU B 338 -36.23 -8.97 -25.06
N THR B 339 -34.94 -8.98 -24.76
CA THR B 339 -33.92 -8.70 -25.75
C THR B 339 -33.93 -9.78 -26.83
N ARG B 340 -34.37 -10.99 -26.47
CA ARG B 340 -34.41 -12.09 -27.42
C ARG B 340 -35.35 -11.74 -28.59
N PHE B 341 -36.15 -10.70 -28.41
CA PHE B 341 -37.05 -10.24 -29.45
C PHE B 341 -36.31 -9.50 -30.55
N VAL B 342 -35.50 -8.51 -30.17
CA VAL B 342 -34.84 -7.69 -31.17
C VAL B 342 -33.95 -8.56 -32.06
N SER B 343 -33.46 -9.66 -31.50
CA SER B 343 -32.66 -10.61 -32.26
C SER B 343 -33.54 -11.34 -33.27
N GLN B 344 -34.79 -11.57 -32.91
CA GLN B 344 -35.74 -12.28 -33.77
C GLN B 344 -36.26 -11.38 -34.88
N VAL B 345 -36.65 -10.15 -34.55
CA VAL B 345 -37.22 -9.25 -35.53
C VAL B 345 -36.21 -8.96 -36.64
N GLU B 346 -34.93 -8.95 -36.29
CA GLU B 346 -33.88 -8.61 -37.25
C GLU B 346 -33.38 -9.83 -38.00
N SER B 347 -33.80 -11.01 -37.54
CA SER B 347 -33.55 -12.25 -38.26
C SER B 347 -34.72 -12.53 -39.21
N ASP B 348 -35.62 -11.55 -39.34
CA ASP B 348 -36.76 -11.67 -40.23
C ASP B 348 -36.30 -11.68 -41.69
N THR B 349 -36.75 -12.68 -42.44
CA THR B 349 -36.35 -12.81 -43.83
C THR B 349 -37.16 -11.90 -44.74
N GLY B 350 -37.74 -10.84 -44.18
CA GLY B 350 -38.49 -9.88 -44.97
C GLY B 350 -39.92 -10.30 -45.27
N ASP B 351 -40.33 -11.47 -44.76
CA ASP B 351 -41.70 -11.93 -44.92
C ASP B 351 -42.54 -11.57 -43.68
N ARG B 352 -41.97 -10.75 -42.79
CA ARG B 352 -42.70 -10.21 -41.64
C ARG B 352 -43.22 -11.26 -40.65
N LYS B 353 -43.13 -12.54 -40.99
CA LYS B 353 -43.77 -13.59 -40.20
C LYS B 353 -43.12 -13.71 -38.82
N GLN B 354 -41.79 -13.68 -38.78
CA GLN B 354 -41.06 -13.81 -37.54
C GLN B 354 -41.36 -12.63 -36.62
N ILE B 355 -41.68 -11.48 -37.22
CA ILE B 355 -41.94 -10.26 -36.48
C ILE B 355 -43.36 -10.27 -35.92
N TYR B 356 -44.29 -10.79 -36.71
CA TYR B 356 -45.69 -10.92 -36.32
C TYR B 356 -45.82 -11.86 -35.13
N ASN B 357 -45.06 -12.95 -35.15
CA ASN B 357 -45.06 -13.94 -34.09
C ASN B 357 -44.74 -13.34 -32.72
N ILE B 358 -43.97 -12.25 -32.71
CA ILE B 358 -43.63 -11.56 -31.47
C ILE B 358 -44.75 -10.63 -31.06
N LEU B 359 -45.25 -9.86 -32.01
CA LEU B 359 -46.31 -8.91 -31.74
C LEU B 359 -47.61 -9.63 -31.36
N SER B 360 -47.84 -10.79 -32.00
CA SER B 360 -49.00 -11.61 -31.70
C SER B 360 -48.90 -12.22 -30.30
N THR B 361 -47.73 -12.06 -29.67
CA THR B 361 -47.51 -12.54 -28.31
C THR B 361 -47.75 -11.42 -27.30
N LEU B 362 -47.51 -10.19 -27.72
CA LEU B 362 -47.74 -9.01 -26.89
C LEU B 362 -49.16 -8.50 -27.05
N GLY B 363 -50.04 -9.35 -27.58
CA GLY B 363 -51.44 -8.99 -27.75
C GLY B 363 -51.60 -7.93 -28.82
N LEU B 364 -50.61 -7.85 -29.70
CA LEU B 364 -50.61 -6.85 -30.75
C LEU B 364 -50.87 -7.48 -32.12
N ARG B 365 -51.79 -6.90 -32.86
CA ARG B 365 -52.13 -7.37 -34.20
C ARG B 365 -51.69 -6.30 -35.21
N PRO B 366 -50.45 -6.41 -35.72
CA PRO B 366 -49.84 -5.35 -36.53
C PRO B 366 -50.29 -5.29 -37.98
N SER B 367 -49.85 -4.24 -38.65
CA SER B 367 -50.06 -4.05 -40.09
C SER B 367 -48.72 -4.18 -40.81
N THR B 368 -48.76 -4.20 -42.14
CA THR B 368 -47.54 -4.28 -42.94
C THR B 368 -46.69 -3.02 -42.77
N THR B 369 -47.31 -1.96 -42.24
CA THR B 369 -46.65 -0.68 -42.07
C THR B 369 -45.84 -0.64 -40.78
N ASP B 370 -46.53 -0.83 -39.66
CA ASP B 370 -45.97 -0.57 -38.32
C ASP B 370 -44.94 -1.62 -37.93
N CYS B 371 -45.05 -2.82 -38.47
CA CYS B 371 -44.13 -3.91 -38.15
C CYS B 371 -42.74 -3.59 -38.68
N ASP B 372 -42.68 -2.84 -39.78
CA ASP B 372 -41.41 -2.49 -40.42
C ASP B 372 -40.74 -1.31 -39.72
N ILE B 373 -41.49 -0.61 -38.89
CA ILE B 373 -40.92 0.44 -38.06
C ILE B 373 -40.17 -0.21 -36.92
N VAL B 374 -40.75 -1.27 -36.37
CA VAL B 374 -40.13 -2.04 -35.30
C VAL B 374 -38.80 -2.62 -35.78
N ARG B 375 -38.72 -2.91 -37.07
CA ARG B 375 -37.46 -3.32 -37.66
C ARG B 375 -36.48 -2.16 -37.55
N ARG B 376 -36.97 -0.96 -37.81
CA ARG B 376 -36.13 0.23 -37.80
C ARG B 376 -35.82 0.71 -36.39
N ALA B 377 -36.70 0.40 -35.44
CA ALA B 377 -36.50 0.77 -34.04
C ALA B 377 -35.35 -0.03 -33.46
N CYS B 378 -35.45 -1.35 -33.58
CA CYS B 378 -34.38 -2.25 -33.15
C CYS B 378 -33.10 -1.92 -33.90
N GLU B 379 -33.23 -1.68 -35.20
CA GLU B 379 -32.10 -1.32 -36.05
C GLU B 379 -31.34 -0.12 -35.52
N SER B 380 -32.08 0.86 -35.00
CA SER B 380 -31.47 2.12 -34.54
C SER B 380 -30.79 1.96 -33.18
N VAL B 381 -31.18 0.93 -32.43
CA VAL B 381 -30.59 0.65 -31.13
C VAL B 381 -29.38 -0.26 -31.29
N SER B 382 -29.58 -1.36 -32.00
CA SER B 382 -28.52 -2.33 -32.26
C SER B 382 -27.28 -1.63 -32.82
N THR B 383 -27.47 -0.71 -33.76
CA THR B 383 -26.36 0.03 -34.32
C THR B 383 -25.68 0.88 -33.26
N ARG B 384 -26.47 1.57 -32.44
CA ARG B 384 -25.87 2.43 -31.44
C ARG B 384 -25.16 1.58 -30.39
N ALA B 385 -25.70 0.41 -30.12
CA ALA B 385 -25.07 -0.50 -29.15
C ALA B 385 -23.74 -0.97 -29.72
N ALA B 386 -23.70 -1.22 -31.02
CA ALA B 386 -22.46 -1.63 -31.68
C ALA B 386 -21.50 -0.46 -31.77
N HIS B 387 -21.98 0.64 -32.35
CA HIS B 387 -21.17 1.84 -32.53
C HIS B 387 -20.54 2.32 -31.22
N MET B 388 -21.27 2.17 -30.12
CA MET B 388 -20.76 2.56 -28.81
C MET B 388 -19.67 1.61 -28.36
N CYS B 389 -19.88 0.33 -28.60
CA CYS B 389 -18.92 -0.68 -28.17
C CYS B 389 -17.65 -0.56 -28.97
N SER B 390 -17.78 -0.15 -30.24
CA SER B 390 -16.62 -0.04 -31.13
C SER B 390 -15.75 1.17 -30.75
N ALA B 391 -16.36 2.16 -30.12
CA ALA B 391 -15.63 3.36 -29.69
C ALA B 391 -14.67 3.00 -28.55
N GLY B 392 -15.16 2.18 -27.62
CA GLY B 392 -14.35 1.80 -26.48
C GLY B 392 -13.19 0.93 -26.92
N LEU B 393 -13.50 -0.11 -27.69
CA LEU B 393 -12.48 -1.07 -28.12
C LEU B 393 -11.43 -0.42 -29.01
N ALA B 394 -11.81 0.63 -29.71
CA ALA B 394 -10.85 1.38 -30.52
C ALA B 394 -9.92 2.15 -29.59
N GLY B 395 -10.48 2.69 -28.52
CA GLY B 395 -9.70 3.46 -27.56
C GLY B 395 -8.61 2.61 -26.95
N VAL B 396 -8.87 1.31 -26.83
CA VAL B 396 -7.90 0.36 -26.30
C VAL B 396 -6.84 0.07 -27.33
N ILE B 397 -7.27 -0.36 -28.51
CA ILE B 397 -6.35 -0.75 -29.58
C ILE B 397 -5.42 0.39 -29.94
N ASN B 398 -5.95 1.60 -30.03
CA ASN B 398 -5.14 2.75 -30.39
C ASN B 398 -4.09 3.08 -29.32
N ARG B 399 -4.37 2.69 -28.09
CA ARG B 399 -3.43 2.91 -26.99
C ARG B 399 -2.34 1.86 -27.04
N MET B 400 -2.69 0.66 -27.49
CA MET B 400 -1.73 -0.44 -27.60
C MET B 400 -0.76 -0.21 -28.75
N ARG B 401 -1.17 0.62 -29.71
CA ARG B 401 -0.31 0.94 -30.84
C ARG B 401 0.60 2.13 -30.49
N GLU B 402 0.15 2.95 -29.55
CA GLU B 402 0.95 4.09 -29.09
C GLU B 402 1.99 3.62 -28.09
N SER B 403 1.70 2.50 -27.44
CA SER B 403 2.64 1.89 -26.51
C SER B 403 3.49 0.85 -27.22
N ARG B 404 3.46 0.88 -28.55
CA ARG B 404 4.22 -0.05 -29.37
C ARG B 404 4.88 0.70 -30.52
N SER B 405 6.14 0.39 -30.79
CA SER B 405 6.91 1.10 -31.80
C SER B 405 6.59 0.59 -33.20
N GLU B 406 5.36 0.10 -33.41
CA GLU B 406 4.90 -0.35 -34.71
C GLU B 406 3.86 0.61 -35.26
N ASP B 407 4.02 0.94 -36.54
CA ASP B 407 3.07 1.81 -37.23
C ASP B 407 1.85 0.98 -37.61
N VAL B 408 2.11 -0.23 -38.09
CA VAL B 408 1.05 -1.20 -38.38
C VAL B 408 1.03 -2.25 -37.26
N MET B 409 -0.16 -2.50 -36.72
CA MET B 409 -0.31 -3.46 -35.64
C MET B 409 -1.28 -4.57 -36.00
N ARG B 410 -0.73 -5.76 -36.24
CA ARG B 410 -1.54 -6.93 -36.52
C ARG B 410 -1.89 -7.63 -35.21
N ILE B 411 -3.07 -7.28 -34.68
CA ILE B 411 -3.54 -7.85 -33.42
C ILE B 411 -4.75 -8.73 -33.63
N THR B 412 -5.11 -9.47 -32.59
CA THR B 412 -6.23 -10.40 -32.62
C THR B 412 -7.07 -10.18 -31.39
N VAL B 413 -8.39 -10.33 -31.54
CA VAL B 413 -9.34 -10.10 -30.46
C VAL B 413 -10.12 -11.36 -30.15
N GLY B 414 -10.21 -11.70 -28.87
CA GLY B 414 -11.00 -12.84 -28.41
C GLY B 414 -12.34 -12.35 -27.92
N VAL B 415 -13.40 -12.71 -28.64
CA VAL B 415 -14.76 -12.21 -28.39
C VAL B 415 -15.75 -13.29 -28.01
N ASP B 416 -16.71 -12.93 -27.17
CA ASP B 416 -17.76 -13.84 -26.75
C ASP B 416 -18.94 -12.97 -26.32
N GLY B 417 -20.11 -13.60 -26.18
CA GLY B 417 -21.31 -12.88 -25.79
C GLY B 417 -22.50 -13.23 -26.67
N SER B 418 -23.67 -13.25 -26.06
CA SER B 418 -24.91 -13.56 -26.74
C SER B 418 -25.23 -12.45 -27.73
N VAL B 419 -25.15 -11.22 -27.25
CA VAL B 419 -25.49 -10.07 -28.08
C VAL B 419 -24.55 -9.98 -29.27
N TYR B 420 -23.38 -10.59 -29.17
CA TYR B 420 -22.40 -10.55 -30.25
C TYR B 420 -22.58 -11.73 -31.21
N LYS B 421 -22.54 -12.94 -30.67
CA LYS B 421 -22.50 -14.15 -31.47
C LYS B 421 -23.84 -14.50 -32.12
N LEU B 422 -24.95 -14.06 -31.54
CA LEU B 422 -26.27 -14.50 -31.99
C LEU B 422 -27.04 -13.39 -32.67
N HIS B 423 -26.92 -12.16 -32.17
CA HIS B 423 -27.55 -11.03 -32.83
C HIS B 423 -27.05 -10.97 -34.28
N PRO B 424 -27.97 -10.95 -35.27
CA PRO B 424 -27.58 -11.14 -36.68
C PRO B 424 -26.61 -10.09 -37.24
N SER B 425 -27.00 -8.82 -37.15
CA SER B 425 -26.27 -7.74 -37.81
C SER B 425 -25.19 -7.12 -36.94
N PHE B 426 -25.35 -7.26 -35.62
CA PHE B 426 -24.47 -6.64 -34.63
C PHE B 426 -23.01 -7.00 -34.85
N LYS B 427 -22.73 -8.30 -34.98
CA LYS B 427 -21.37 -8.78 -35.09
C LYS B 427 -20.57 -8.09 -36.21
N GLU B 428 -21.26 -7.56 -37.22
CA GLU B 428 -20.59 -7.00 -38.39
C GLU B 428 -20.48 -5.48 -38.33
N ARG B 429 -21.62 -4.80 -38.20
CA ARG B 429 -21.63 -3.33 -38.14
C ARG B 429 -20.68 -2.83 -37.06
N PHE B 430 -20.42 -3.71 -36.08
CA PHE B 430 -19.45 -3.48 -35.02
C PHE B 430 -18.03 -3.39 -35.60
N HIS B 431 -17.58 -4.49 -36.21
CA HIS B 431 -16.28 -4.55 -36.85
C HIS B 431 -16.03 -3.33 -37.73
N ALA B 432 -17.02 -3.02 -38.55
CA ALA B 432 -16.93 -1.90 -39.49
C ALA B 432 -16.52 -0.63 -38.77
N SER B 433 -17.27 -0.26 -37.74
CA SER B 433 -17.02 0.98 -37.02
C SER B 433 -15.62 0.97 -36.43
N VAL B 434 -15.21 -0.17 -35.89
CA VAL B 434 -13.91 -0.30 -35.26
C VAL B 434 -12.81 0.02 -36.27
N ARG B 435 -12.82 -0.68 -37.41
CA ARG B 435 -11.75 -0.55 -38.38
C ARG B 435 -11.70 0.86 -38.97
N ARG B 436 -12.80 1.60 -38.84
CA ARG B 436 -12.83 2.99 -39.29
C ARG B 436 -12.14 3.89 -38.28
N LEU B 437 -12.03 3.41 -37.05
CA LEU B 437 -11.45 4.17 -35.94
C LEU B 437 -10.01 3.76 -35.65
N THR B 438 -9.59 2.62 -36.17
CA THR B 438 -8.23 2.12 -35.98
C THR B 438 -7.57 1.79 -37.31
N PRO B 439 -7.19 2.83 -38.07
CA PRO B 439 -6.39 2.56 -39.28
C PRO B 439 -5.02 2.01 -38.91
N SER B 440 -4.35 1.36 -39.85
CA SER B 440 -3.03 0.78 -39.61
C SER B 440 -3.09 -0.33 -38.57
N CYS B 441 -4.19 -1.08 -38.57
CA CYS B 441 -4.38 -2.17 -37.61
C CYS B 441 -5.16 -3.32 -38.23
N GLU B 442 -4.46 -4.35 -38.68
CA GLU B 442 -5.10 -5.54 -39.22
C GLU B 442 -5.67 -6.38 -38.09
N ILE B 443 -6.86 -5.99 -37.64
CA ILE B 443 -7.52 -6.70 -36.56
C ILE B 443 -8.08 -8.01 -37.06
N THR B 444 -8.13 -8.99 -36.18
CA THR B 444 -8.68 -10.29 -36.50
C THR B 444 -9.56 -10.75 -35.35
N PHE B 445 -10.85 -10.84 -35.60
CA PHE B 445 -11.77 -11.24 -34.55
C PHE B 445 -11.94 -12.75 -34.55
N ILE B 446 -12.04 -13.33 -33.36
CA ILE B 446 -12.29 -14.75 -33.22
C ILE B 446 -13.22 -15.05 -32.05
N GLU B 447 -14.24 -15.86 -32.32
CA GLU B 447 -15.20 -16.24 -31.29
C GLU B 447 -14.63 -17.34 -30.41
N SER B 448 -14.96 -17.29 -29.13
CA SER B 448 -14.67 -18.40 -28.24
C SER B 448 -15.61 -19.55 -28.58
N GLU B 449 -15.03 -20.73 -28.81
CA GLU B 449 -15.80 -21.86 -29.32
C GLU B 449 -16.89 -22.30 -28.34
N GLU B 450 -17.91 -22.97 -28.87
CA GLU B 450 -19.03 -23.43 -28.07
C GLU B 450 -18.66 -24.68 -27.27
N GLY B 451 -19.66 -25.35 -26.72
CA GLY B 451 -19.44 -26.51 -25.88
C GLY B 451 -18.62 -26.14 -24.66
N SER B 452 -18.57 -24.84 -24.36
CA SER B 452 -17.70 -24.32 -23.30
C SER B 452 -18.13 -22.90 -22.89
N GLY B 453 -18.20 -22.67 -21.59
CA GLY B 453 -18.73 -21.42 -21.07
C GLY B 453 -17.70 -20.47 -20.49
N ARG B 454 -17.26 -20.75 -19.27
CA ARG B 454 -16.40 -19.82 -18.53
C ARG B 454 -15.42 -20.55 -17.59
N GLY B 455 -14.19 -20.04 -17.50
CA GLY B 455 -13.19 -20.59 -16.59
C GLY B 455 -13.07 -22.10 -16.72
N ALA B 456 -13.49 -22.59 -17.88
CA ALA B 456 -13.66 -24.02 -18.16
C ALA B 456 -13.52 -24.24 -19.66
N ALA B 457 -13.91 -23.25 -20.45
CA ALA B 457 -13.48 -23.16 -21.84
C ALA B 457 -11.97 -23.22 -21.80
N LEU B 458 -11.45 -22.52 -20.81
CA LEU B 458 -10.03 -22.41 -20.61
C LEU B 458 -9.40 -23.75 -20.24
N VAL B 459 -10.05 -24.53 -19.37
CA VAL B 459 -9.49 -25.80 -18.92
C VAL B 459 -9.64 -26.87 -20.01
N SER B 460 -10.63 -26.70 -20.88
CA SER B 460 -10.83 -27.64 -21.96
C SER B 460 -9.97 -27.24 -23.15
N ALA B 461 -9.88 -25.94 -23.42
CA ALA B 461 -9.14 -25.45 -24.58
C ALA B 461 -7.65 -25.71 -24.44
N VAL B 462 -7.22 -26.10 -23.23
CA VAL B 462 -5.82 -26.36 -22.95
C VAL B 462 -5.51 -27.85 -22.88
N ALA B 463 -6.46 -28.61 -22.35
CA ALA B 463 -6.34 -30.06 -22.30
C ALA B 463 -6.32 -30.61 -23.72
N CYS B 464 -6.80 -29.82 -24.67
CA CYS B 464 -6.84 -30.19 -26.07
C CYS B 464 -5.62 -29.63 -26.79
N LYS B 465 -4.56 -29.35 -26.04
CA LYS B 465 -3.32 -28.85 -26.65
C LYS B 465 -2.07 -29.35 -25.92
N LYS B 466 -2.27 -30.20 -24.92
CA LYS B 466 -1.23 -31.13 -24.51
C LYS B 466 -1.26 -32.26 -25.53
N ALA B 467 -2.41 -32.40 -26.18
CA ALA B 467 -2.57 -33.28 -27.33
C ALA B 467 -1.93 -32.65 -28.57
N CYS B 468 -0.60 -32.48 -28.51
CA CYS B 468 0.15 -31.84 -29.57
C CYS B 468 1.66 -31.88 -29.29
O1 F6P C . 16.53 10.37 23.76
C1 F6P C . 15.46 9.66 23.18
C2 F6P C . 15.90 9.02 21.87
O2 F6P C . 16.61 10.00 21.08
C3 F6P C . 14.70 8.49 21.09
O3 F6P C . 14.49 9.22 19.90
C4 F6P C . 15.02 7.02 20.83
O4 F6P C . 13.91 6.23 21.21
C5 F6P C . 16.24 6.70 21.68
O5 F6P C . 16.78 7.93 22.12
C6 F6P C . 17.30 5.90 20.92
O6 F6P C . 18.07 6.76 20.12
P F6P C . 19.52 6.31 19.55
O1P F6P C . 20.26 7.55 19.11
O2P F6P C . 20.30 5.56 20.60
O3P F6P C . 19.35 5.39 18.38
NA NA D . 4.27 -0.82 -12.78
#